data_3PUK
#
_entry.id   3PUK
#
_cell.length_a   170.400
_cell.length_b   170.400
_cell.length_c   170.400
_cell.angle_alpha   90.00
_cell.angle_beta   90.00
_cell.angle_gamma   90.00
#
_symmetry.space_group_name_H-M   'P 21 3'
#
loop_
_entity.id
_entity.type
_entity.pdbx_description
1 polymer 'Syntaxin-binding protein 3'
2 polymer 'Syntaxin-4 N-terminal peptide'
#
loop_
_entity_poly.entity_id
_entity_poly.type
_entity_poly.pdbx_seq_one_letter_code
_entity_poly.pdbx_strand_id
1 'polypeptide(L)'
;MAPPVSERGLKSVVWRKIKTAVFDDCRKEGEWKIMLLDEFTTKLLSSCCKMTDLLEEGITVIENIYKNREPVRQMKALYF
ISPTPKSVDCFLRDFGSKSEKKYKAAYIYFTDFCPDSLFNKIKASCSKSIRRCKEINISFIPQESQVYTLDVPDAFYYCY
SPDPSNASRKEVVMEAMAEQIVTVCATLDENPGVRYKSKPLDNASKLAQLVEKKLEDYYKIDEKGLIKGKTQSQLLIIDR
GFDPVSTVLHELTFQAMAYDLLPIENDTYKYKTDGKEKEAVLEEDDDLWVRVRHRHIAVVLEEIPKLMKEISSTKKATEG
KTSLSALTQLMKKMPHFRKQISKQVVHLNLAEDCMNKFKLNIEKLCKTEQDLALGTDAEGQRVKDSMLVLLPVLLNKNHD
NCDKIRAVLLYIFGINGTTEENLDRLIHNVKIEDDSDMIRNWSHLGVPIVPPSQQAKPLRKDRSAEETFQLSRWTPFIKD
IMEDAIDNRLDSKEWPYCSRCPAVWNGSGAVSARQKPRTNYLELDRKNGSRLIIFVIGGITYSEMRCAYEVSQAHKSCEV
IIGSTHILTPRKLLDDIKMLNKSKDKVSFKDE
;
A,B
2 'polypeptide(L)' MRDRTHELRQ C,D
#
# COMPACT_ATOMS: atom_id res chain seq x y z
N GLU A 7 27.61 16.55 -2.04
CA GLU A 7 28.34 17.79 -2.30
C GLU A 7 29.19 17.68 -3.56
N ARG A 8 29.80 18.80 -3.97
CA ARG A 8 30.64 18.85 -5.16
C ARG A 8 29.84 18.71 -6.45
N GLY A 9 28.78 17.90 -6.40
CA GLY A 9 27.91 17.72 -7.55
C GLY A 9 27.59 19.05 -8.20
N LEU A 10 28.00 19.20 -9.46
CA LEU A 10 27.84 20.45 -10.20
C LEU A 10 26.54 21.18 -9.87
N LYS A 11 25.44 20.43 -9.78
CA LYS A 11 24.14 21.00 -9.45
C LYS A 11 24.19 21.73 -8.11
N SER A 12 24.75 21.08 -7.09
CA SER A 12 24.90 21.67 -5.77
C SER A 12 25.68 22.97 -5.81
N VAL A 13 26.88 22.93 -6.38
CA VAL A 13 27.72 24.12 -6.51
C VAL A 13 26.95 25.31 -7.04
N VAL A 14 26.22 25.09 -8.14
CA VAL A 14 25.41 26.15 -8.74
C VAL A 14 24.33 26.63 -7.76
N TRP A 15 23.61 25.69 -7.17
CA TRP A 15 22.58 26.02 -6.20
C TRP A 15 23.15 26.80 -5.03
N ARG A 16 24.31 26.35 -4.55
CA ARG A 16 24.97 26.98 -3.41
C ARG A 16 25.30 28.43 -3.73
N LYS A 17 25.53 28.70 -5.02
CA LYS A 17 25.82 30.05 -5.48
C LYS A 17 24.56 30.88 -5.58
N ILE A 18 23.60 30.40 -6.37
CA ILE A 18 22.33 31.09 -6.56
C ILE A 18 21.69 31.47 -5.23
N LYS A 19 21.73 30.56 -4.27
CA LYS A 19 21.08 30.77 -2.98
C LYS A 19 21.70 31.91 -2.18
N THR A 20 23.02 32.04 -2.23
CA THR A 20 23.71 33.09 -1.48
C THR A 20 23.90 34.35 -2.30
N ALA A 21 23.94 34.20 -3.62
CA ALA A 21 24.15 35.33 -4.51
C ALA A 21 22.84 36.05 -4.80
N VAL A 22 21.74 35.29 -4.77
CA VAL A 22 20.44 35.82 -5.14
C VAL A 22 19.44 35.82 -3.98
N PHE A 23 19.04 34.62 -3.55
CA PHE A 23 18.01 34.49 -2.54
C PHE A 23 18.38 35.14 -1.21
N ASP A 24 19.54 34.79 -0.68
CA ASP A 24 20.00 35.36 0.58
C ASP A 24 20.23 36.86 0.44
N ASP A 25 20.62 37.29 -0.75
CA ASP A 25 20.99 38.67 -1.00
C ASP A 25 19.82 39.64 -0.84
N CYS A 26 18.61 39.15 -1.06
CA CYS A 26 17.41 39.99 -0.95
C CYS A 26 16.40 39.37 -0.01
N ARG A 27 16.85 38.39 0.77
CA ARG A 27 15.98 37.67 1.68
C ARG A 27 15.77 38.45 2.97
N LYS A 28 14.50 38.75 3.28
CA LYS A 28 14.14 39.31 4.57
C LYS A 28 13.37 38.26 5.36
N GLU A 29 13.88 37.94 6.55
CA GLU A 29 13.42 36.78 7.31
C GLU A 29 11.90 36.67 7.45
N GLY A 30 11.26 37.78 7.78
CA GLY A 30 9.84 37.76 8.09
C GLY A 30 8.88 37.70 6.90
N GLU A 31 9.37 37.99 5.71
CA GLU A 31 8.48 38.12 4.55
C GLU A 31 8.92 37.35 3.31
N TRP A 32 7.96 37.07 2.44
CA TRP A 32 8.20 36.33 1.20
C TRP A 32 7.95 37.23 -0.01
N LYS A 33 8.46 36.82 -1.16
CA LYS A 33 8.32 37.62 -2.38
C LYS A 33 8.10 36.78 -3.64
N ILE A 34 7.68 37.43 -4.71
CA ILE A 34 7.40 36.76 -5.98
C ILE A 34 8.64 36.72 -6.86
N MET A 35 8.93 35.57 -7.45
CA MET A 35 10.07 35.43 -8.34
C MET A 35 9.63 35.28 -9.80
N LEU A 36 10.34 35.97 -10.69
CA LEU A 36 10.02 35.91 -12.11
C LEU A 36 11.18 35.35 -12.91
N LEU A 37 10.88 34.43 -13.81
CA LEU A 37 11.91 33.71 -14.57
C LEU A 37 11.62 33.75 -16.07
N ASP A 38 12.67 33.78 -16.87
CA ASP A 38 12.53 33.62 -18.31
C ASP A 38 12.91 32.18 -18.67
N GLU A 39 12.96 31.87 -19.96
CA GLU A 39 13.25 30.52 -20.42
C GLU A 39 14.47 29.92 -19.75
N PHE A 40 15.62 30.57 -19.91
CA PHE A 40 16.87 30.06 -19.37
C PHE A 40 16.82 29.80 -17.87
N THR A 41 16.55 30.84 -17.10
CA THR A 41 16.52 30.73 -15.64
C THR A 41 15.59 29.62 -15.16
N THR A 42 14.49 29.40 -15.88
CA THR A 42 13.57 28.32 -15.54
C THR A 42 14.28 26.97 -15.67
N LYS A 43 14.99 26.78 -16.79
CA LYS A 43 15.79 25.58 -16.99
C LYS A 43 16.89 25.49 -15.95
N LEU A 44 17.47 26.64 -15.61
CA LEU A 44 18.57 26.70 -14.64
C LEU A 44 18.13 26.24 -13.26
N LEU A 45 16.98 26.74 -12.82
CA LEU A 45 16.46 26.40 -11.50
C LEU A 45 15.93 24.96 -11.46
N SER A 46 15.21 24.58 -12.51
CA SER A 46 14.69 23.21 -12.61
C SER A 46 15.85 22.23 -12.59
N SER A 47 17.02 22.71 -12.98
CA SER A 47 18.22 21.89 -13.05
C SER A 47 18.73 21.45 -11.69
N CYS A 48 18.71 22.37 -10.73
CA CYS A 48 19.38 22.12 -9.45
C CYS A 48 18.52 22.32 -8.21
N CYS A 49 17.22 22.09 -8.32
CA CYS A 49 16.34 22.17 -7.16
C CYS A 49 14.88 21.87 -7.49
N LYS A 50 14.20 21.18 -6.58
CA LYS A 50 12.77 21.01 -6.67
C LYS A 50 12.13 22.37 -6.44
N MET A 51 11.16 22.72 -7.28
CA MET A 51 10.55 24.05 -7.22
C MET A 51 9.84 24.33 -5.90
N THR A 52 9.96 23.40 -4.95
CA THR A 52 9.39 23.59 -3.62
C THR A 52 10.44 24.12 -2.65
N ASP A 53 11.70 23.72 -2.86
CA ASP A 53 12.80 24.17 -2.02
C ASP A 53 12.83 25.69 -1.93
N LEU A 54 12.23 26.34 -2.92
CA LEU A 54 12.22 27.81 -2.99
C LEU A 54 11.55 28.44 -1.77
N LEU A 55 10.56 27.76 -1.23
CA LEU A 55 9.80 28.29 -0.09
C LEU A 55 10.72 28.68 1.06
N GLU A 56 11.70 27.83 1.35
CA GLU A 56 12.63 28.09 2.44
C GLU A 56 13.60 29.22 2.09
N GLU A 57 13.48 29.73 0.87
CA GLU A 57 14.39 30.78 0.39
C GLU A 57 13.71 32.12 0.19
N GLY A 58 12.44 32.20 0.54
CA GLY A 58 11.71 33.46 0.47
C GLY A 58 10.86 33.61 -0.77
N ILE A 59 10.61 32.49 -1.46
CA ILE A 59 9.79 32.52 -2.65
C ILE A 59 8.48 31.76 -2.45
N THR A 60 7.36 32.47 -2.56
CA THR A 60 6.05 31.85 -2.40
C THR A 60 5.39 31.61 -3.74
N VAL A 61 5.72 32.44 -4.73
CA VAL A 61 5.13 32.34 -6.05
C VAL A 61 6.15 32.58 -7.16
N ILE A 62 6.17 31.69 -8.15
CA ILE A 62 7.01 31.88 -9.32
C ILE A 62 6.13 32.03 -10.55
N GLU A 63 6.54 32.88 -11.48
CA GLU A 63 5.77 33.12 -12.70
C GLU A 63 6.67 33.37 -13.90
N ASN A 64 6.08 33.30 -15.09
CA ASN A 64 6.79 33.55 -16.33
C ASN A 64 6.81 35.03 -16.67
N ILE A 65 7.99 35.64 -16.60
CA ILE A 65 8.14 37.06 -16.89
C ILE A 65 7.61 37.39 -18.28
N TYR A 66 7.61 36.39 -19.17
CA TYR A 66 7.10 36.58 -20.52
C TYR A 66 5.60 36.86 -20.52
N LYS A 67 4.84 35.93 -19.97
CA LYS A 67 3.39 36.04 -19.93
C LYS A 67 2.94 37.21 -19.06
N ASN A 68 1.97 37.98 -19.56
CA ASN A 68 1.42 39.10 -18.81
C ASN A 68 0.94 38.62 -17.44
N ARG A 69 1.10 39.47 -16.43
CA ARG A 69 0.81 39.07 -15.06
C ARG A 69 -0.09 40.07 -14.34
N GLU A 70 -0.73 39.59 -13.26
CA GLU A 70 -1.60 40.43 -12.46
C GLU A 70 -0.78 41.21 -11.44
N PRO A 71 -1.00 42.53 -11.36
CA PRO A 71 -0.26 43.40 -10.42
C PRO A 71 -0.44 42.95 -8.98
N VAL A 72 0.64 43.02 -8.21
CA VAL A 72 0.60 42.71 -6.78
C VAL A 72 1.38 43.77 -6.00
N ARG A 73 0.78 44.94 -5.86
CA ARG A 73 1.45 46.06 -5.19
C ARG A 73 1.44 45.93 -3.67
N GLN A 74 1.76 44.73 -3.20
CA GLN A 74 1.92 44.46 -1.77
C GLN A 74 3.15 43.60 -1.56
N MET A 75 3.53 42.87 -2.60
CA MET A 75 4.69 42.00 -2.55
C MET A 75 5.86 42.57 -3.34
N LYS A 76 7.08 42.25 -2.90
CA LYS A 76 8.29 42.61 -3.63
C LYS A 76 8.53 41.57 -4.73
N ALA A 77 9.24 41.96 -5.77
CA ALA A 77 9.46 41.07 -6.91
C ALA A 77 10.93 40.75 -7.11
N LEU A 78 11.24 39.47 -7.25
CA LEU A 78 12.60 39.03 -7.52
C LEU A 78 12.72 38.61 -8.97
N TYR A 79 13.41 39.44 -9.76
CA TYR A 79 13.60 39.14 -11.17
C TYR A 79 14.90 38.37 -11.41
N PHE A 80 14.78 37.06 -11.58
CA PHE A 80 15.91 36.23 -11.94
C PHE A 80 15.86 35.92 -13.43
N ILE A 81 16.61 36.69 -14.20
CA ILE A 81 16.54 36.61 -15.65
C ILE A 81 17.91 36.72 -16.30
N SER A 82 17.95 36.45 -17.62
CA SER A 82 19.15 36.66 -18.40
C SER A 82 19.12 38.05 -19.00
N PRO A 83 20.29 38.59 -19.36
CA PRO A 83 20.38 39.93 -19.97
C PRO A 83 19.86 39.93 -21.41
N THR A 84 18.67 39.37 -21.61
CA THR A 84 18.08 39.26 -22.94
C THR A 84 17.11 40.40 -23.20
N PRO A 85 17.14 40.95 -24.43
CA PRO A 85 16.22 42.01 -24.83
C PRO A 85 14.77 41.67 -24.49
N LYS A 86 14.36 40.45 -24.81
CA LYS A 86 13.00 40.00 -24.51
C LYS A 86 12.77 39.96 -22.99
N SER A 87 13.73 39.37 -22.28
CA SER A 87 13.63 39.22 -20.83
C SER A 87 13.60 40.57 -20.12
N VAL A 88 14.26 41.55 -20.71
CA VAL A 88 14.32 42.89 -20.12
C VAL A 88 13.11 43.74 -20.49
N ASP A 89 12.69 43.66 -21.75
CA ASP A 89 11.50 44.36 -22.20
C ASP A 89 10.33 44.03 -21.28
N CYS A 90 10.19 42.76 -20.95
CA CYS A 90 9.11 42.30 -20.07
C CYS A 90 9.19 43.00 -18.71
N PHE A 91 10.40 43.17 -18.20
CA PHE A 91 10.59 43.88 -16.94
C PHE A 91 10.17 45.34 -17.07
N LEU A 92 10.62 45.98 -18.15
CA LEU A 92 10.27 47.37 -18.40
C LEU A 92 8.77 47.53 -18.59
N ARG A 93 8.10 46.41 -18.87
CA ARG A 93 6.65 46.41 -19.01
C ARG A 93 5.98 46.29 -17.65
N ASP A 94 6.80 46.27 -16.61
CA ASP A 94 6.29 46.17 -15.23
C ASP A 94 6.60 47.43 -14.44
N PHE A 95 7.52 48.24 -14.94
CA PHE A 95 7.95 49.45 -14.24
C PHE A 95 8.20 50.63 -15.18
N GLY A 96 8.53 50.34 -16.42
CA GLY A 96 8.84 51.37 -17.40
C GLY A 96 7.62 51.90 -18.15
N SER A 97 7.18 51.16 -19.15
CA SER A 97 6.04 51.55 -19.96
C SER A 97 4.79 51.76 -19.10
N LYS A 98 4.09 52.86 -19.36
CA LYS A 98 2.91 53.23 -18.58
C LYS A 98 3.27 53.59 -17.15
N SER A 99 4.50 53.28 -16.76
CA SER A 99 5.01 53.56 -15.42
C SER A 99 4.08 53.03 -14.31
N GLU A 100 3.16 52.16 -14.69
CA GLU A 100 2.22 51.57 -13.74
C GLU A 100 2.85 50.38 -13.02
N LYS A 101 3.59 50.68 -11.96
CA LYS A 101 4.27 49.66 -11.15
C LYS A 101 3.37 48.46 -10.89
N LYS A 102 3.96 47.27 -10.87
CA LYS A 102 3.22 46.04 -10.66
C LYS A 102 3.42 45.44 -9.27
N TYR A 103 4.61 45.66 -8.70
CA TYR A 103 4.92 45.12 -7.38
C TYR A 103 5.56 46.18 -6.49
N LYS A 104 5.53 45.94 -5.18
CA LYS A 104 6.10 46.88 -4.22
C LYS A 104 7.49 47.35 -4.68
N ALA A 105 8.40 46.41 -4.86
CA ALA A 105 9.76 46.74 -5.29
C ALA A 105 10.30 45.68 -6.26
N ALA A 106 11.44 45.98 -6.87
CA ALA A 106 12.05 45.08 -7.83
C ALA A 106 13.49 44.72 -7.44
N TYR A 107 13.83 43.45 -7.59
CA TYR A 107 15.19 42.97 -7.30
C TYR A 107 15.72 42.18 -8.48
N ILE A 108 16.50 42.85 -9.32
CA ILE A 108 16.98 42.25 -10.57
C ILE A 108 18.30 41.51 -10.39
N TYR A 109 18.31 40.24 -10.81
CA TYR A 109 19.52 39.44 -10.80
C TYR A 109 19.78 38.84 -12.17
N PHE A 110 20.77 39.39 -12.87
CA PHE A 110 21.10 38.95 -14.23
C PHE A 110 22.02 37.74 -14.23
N THR A 111 21.65 36.73 -15.00
CA THR A 111 22.44 35.50 -15.12
C THR A 111 23.84 35.81 -15.65
N ASP A 112 24.01 36.95 -16.29
CA ASP A 112 25.28 37.30 -16.89
C ASP A 112 25.41 38.82 -17.01
N PHE A 113 26.54 39.28 -17.56
CA PHE A 113 26.77 40.71 -17.71
C PHE A 113 25.70 41.37 -18.58
N CYS A 114 25.28 42.56 -18.18
CA CYS A 114 24.22 43.28 -18.88
C CYS A 114 24.78 44.44 -19.69
N PRO A 115 24.61 44.38 -21.02
CA PRO A 115 25.11 45.41 -21.95
C PRO A 115 24.57 46.79 -21.62
N ASP A 116 25.32 47.83 -21.97
CA ASP A 116 24.90 49.20 -21.70
C ASP A 116 23.60 49.53 -22.43
N SER A 117 23.44 49.00 -23.63
CA SER A 117 22.25 49.23 -24.43
C SER A 117 20.99 48.93 -23.64
N LEU A 118 20.92 47.71 -23.10
CA LEU A 118 19.77 47.30 -22.31
C LEU A 118 19.71 48.00 -20.96
N PHE A 119 20.85 48.02 -20.26
CA PHE A 119 20.92 48.65 -18.95
C PHE A 119 20.41 50.09 -19.01
N ASN A 120 20.82 50.83 -20.03
CA ASN A 120 20.38 52.21 -20.21
C ASN A 120 18.86 52.30 -20.25
N LYS A 121 18.24 51.43 -21.04
CA LYS A 121 16.79 51.38 -21.13
C LYS A 121 16.16 51.07 -19.77
N ILE A 122 16.92 50.36 -18.93
CA ILE A 122 16.46 50.02 -17.59
C ILE A 122 16.62 51.18 -16.61
N LYS A 123 17.86 51.62 -16.44
CA LYS A 123 18.17 52.70 -15.49
C LYS A 123 17.29 53.91 -15.73
N ALA A 124 17.18 54.33 -16.99
CA ALA A 124 16.40 55.52 -17.35
C ALA A 124 14.95 55.40 -16.87
N SER A 125 14.30 54.29 -17.21
CA SER A 125 12.90 54.09 -16.86
C SER A 125 12.71 52.93 -15.89
N CYS A 126 12.33 53.24 -14.65
CA CYS A 126 12.14 54.61 -14.21
C CYS A 126 12.25 54.64 -12.69
N SER A 127 12.36 53.45 -12.10
CA SER A 127 12.45 53.27 -10.67
C SER A 127 13.82 53.72 -10.15
N LYS A 128 13.94 54.10 -8.87
CA LYS A 128 12.88 54.07 -7.83
C LYS A 128 12.67 52.69 -7.20
N SER A 129 11.63 51.99 -7.63
CA SER A 129 11.32 50.66 -7.12
C SER A 129 12.51 49.70 -7.20
N ILE A 130 13.29 49.79 -8.27
CA ILE A 130 14.45 48.92 -8.44
C ILE A 130 15.45 49.09 -7.29
N ARG A 131 15.33 48.25 -6.27
CA ARG A 131 16.17 48.33 -5.10
C ARG A 131 17.49 47.60 -5.30
N ARG A 132 17.63 46.93 -6.44
CA ARG A 132 18.85 46.18 -6.72
C ARG A 132 18.94 45.64 -8.15
N CYS A 133 20.10 45.84 -8.75
CA CYS A 133 20.41 45.23 -10.05
C CYS A 133 21.78 44.58 -9.95
N LYS A 134 21.79 43.25 -9.81
CA LYS A 134 23.01 42.50 -9.57
C LYS A 134 23.22 41.47 -10.67
N GLU A 135 24.48 41.24 -11.02
CA GLU A 135 24.82 40.21 -12.01
C GLU A 135 25.60 39.09 -11.32
N ILE A 136 25.09 37.86 -11.41
CA ILE A 136 25.68 36.75 -10.67
C ILE A 136 26.61 35.87 -11.51
N ASN A 137 26.50 35.97 -12.82
CA ASN A 137 27.36 35.22 -13.73
C ASN A 137 27.18 33.70 -13.62
N ILE A 138 26.01 33.24 -14.03
CA ILE A 138 25.73 31.82 -14.20
C ILE A 138 24.98 31.64 -15.52
N SER A 139 25.71 31.27 -16.56
CA SER A 139 25.10 31.14 -17.88
C SER A 139 25.27 29.74 -18.45
N PHE A 140 25.18 28.73 -17.57
CA PHE A 140 25.29 27.35 -18.00
C PHE A 140 24.31 26.46 -17.24
N ILE A 141 24.02 25.29 -17.80
CA ILE A 141 23.09 24.34 -17.18
C ILE A 141 23.84 23.13 -16.59
N PRO A 142 23.70 22.94 -15.28
CA PRO A 142 24.30 21.81 -14.55
C PRO A 142 23.63 20.49 -14.90
N GLN A 143 23.61 20.15 -16.19
CA GLN A 143 22.95 18.93 -16.66
C GLN A 143 23.15 17.75 -15.71
N GLU A 144 24.40 17.50 -15.34
CA GLU A 144 24.71 16.44 -14.39
C GLU A 144 25.74 16.92 -13.39
N SER A 145 26.03 16.09 -12.39
CA SER A 145 26.92 16.48 -11.30
C SER A 145 28.38 16.53 -11.74
N GLN A 146 28.60 16.65 -13.04
CA GLN A 146 29.95 16.66 -13.59
C GLN A 146 29.95 17.06 -15.06
N VAL A 147 28.76 17.34 -15.59
CA VAL A 147 28.61 17.77 -16.97
C VAL A 147 27.76 19.03 -17.07
N TYR A 148 28.24 20.00 -17.84
CA TYR A 148 27.50 21.24 -18.05
C TYR A 148 27.12 21.42 -19.51
N THR A 149 26.21 22.34 -19.77
CA THR A 149 25.83 22.68 -21.14
C THR A 149 25.38 24.13 -21.22
N LEU A 150 25.92 24.86 -22.19
CA LEU A 150 25.64 26.29 -22.31
C LEU A 150 24.28 26.54 -22.97
N ASP A 151 23.99 27.82 -23.19
CA ASP A 151 22.76 28.24 -23.86
C ASP A 151 23.11 29.06 -25.10
N VAL A 152 23.71 28.39 -26.09
CA VAL A 152 24.14 29.08 -27.30
C VAL A 152 23.43 28.51 -28.53
N PRO A 153 22.22 29.03 -28.81
CA PRO A 153 21.34 28.55 -29.89
C PRO A 153 22.04 28.46 -31.24
N ASP A 154 21.77 27.36 -31.95
CA ASP A 154 22.31 27.16 -33.30
C ASP A 154 23.82 27.37 -33.37
N ALA A 155 24.51 27.03 -32.29
CA ALA A 155 25.96 27.16 -32.24
C ALA A 155 26.65 26.24 -33.25
N PHE A 156 26.29 24.96 -33.20
CA PHE A 156 26.89 23.96 -34.08
C PHE A 156 26.92 24.41 -35.54
N TYR A 157 25.77 24.84 -36.04
CA TYR A 157 25.67 25.25 -37.44
C TYR A 157 26.64 26.38 -37.77
N TYR A 158 26.44 27.53 -37.15
CA TYR A 158 27.26 28.70 -37.42
C TYR A 158 28.73 28.46 -37.09
N CYS A 159 29.01 27.38 -36.37
CA CYS A 159 30.37 27.04 -36.01
C CYS A 159 31.07 26.28 -37.15
N TYR A 160 30.28 25.51 -37.89
CA TYR A 160 30.80 24.75 -39.02
C TYR A 160 30.00 25.02 -40.29
N SER A 161 29.71 26.29 -40.55
CA SER A 161 29.02 26.67 -41.77
C SER A 161 30.03 26.81 -42.89
N PRO A 162 29.58 26.65 -44.15
CA PRO A 162 30.47 26.79 -45.31
C PRO A 162 31.31 28.07 -45.23
N ASP A 163 30.83 29.13 -45.84
CA ASP A 163 31.50 30.43 -45.78
C ASP A 163 30.64 31.61 -46.25
N PRO A 164 29.30 31.46 -46.22
CA PRO A 164 28.46 32.56 -46.71
C PRO A 164 28.49 33.77 -45.78
N SER A 165 27.39 34.51 -45.75
CA SER A 165 27.25 35.64 -44.85
C SER A 165 27.15 35.16 -43.40
N ASN A 166 27.18 33.86 -43.21
CA ASN A 166 27.12 33.26 -41.88
C ASN A 166 28.50 33.20 -41.25
N ALA A 167 29.22 34.31 -41.30
CA ALA A 167 30.55 34.42 -40.70
C ALA A 167 30.53 35.49 -39.61
N SER A 168 29.67 36.48 -39.77
CA SER A 168 29.49 37.53 -38.78
C SER A 168 28.76 36.94 -37.57
N ARG A 169 27.84 36.03 -37.83
CA ARG A 169 27.06 35.39 -36.79
C ARG A 169 27.84 34.26 -36.12
N LYS A 170 28.86 33.76 -36.82
CA LYS A 170 29.75 32.76 -36.24
C LYS A 170 30.56 33.40 -35.12
N GLU A 171 31.08 34.59 -35.38
CA GLU A 171 31.83 35.33 -34.38
C GLU A 171 30.95 35.60 -33.17
N VAL A 172 29.67 35.85 -33.43
CA VAL A 172 28.69 36.05 -32.36
C VAL A 172 28.61 34.82 -31.47
N VAL A 173 28.47 33.66 -32.09
CA VAL A 173 28.41 32.40 -31.37
C VAL A 173 29.71 32.14 -30.60
N MET A 174 30.83 32.52 -31.20
CA MET A 174 32.14 32.32 -30.59
C MET A 174 32.28 33.04 -29.26
N GLU A 175 31.96 34.33 -29.23
CA GLU A 175 32.06 35.11 -28.00
C GLU A 175 31.03 34.64 -26.98
N ALA A 176 29.84 34.29 -27.47
CA ALA A 176 28.78 33.78 -26.61
C ALA A 176 29.27 32.56 -25.86
N MET A 177 29.89 31.63 -26.59
CA MET A 177 30.46 30.43 -25.99
C MET A 177 31.57 30.80 -25.01
N ALA A 178 32.45 31.71 -25.43
CA ALA A 178 33.57 32.14 -24.62
C ALA A 178 33.11 32.69 -23.27
N GLU A 179 32.31 33.76 -23.30
CA GLU A 179 31.83 34.40 -22.09
C GLU A 179 30.94 33.48 -21.26
N GLN A 180 30.26 32.57 -21.94
CA GLN A 180 29.37 31.64 -21.27
C GLN A 180 30.21 30.57 -20.55
N ILE A 181 31.33 30.20 -21.17
CA ILE A 181 32.27 29.27 -20.56
C ILE A 181 32.93 29.89 -19.33
N VAL A 182 33.26 31.18 -19.44
CA VAL A 182 33.89 31.90 -18.34
C VAL A 182 33.07 31.80 -17.05
N THR A 183 31.76 31.91 -17.16
CA THR A 183 30.89 31.82 -15.99
C THR A 183 31.00 30.45 -15.33
N VAL A 184 31.27 29.43 -16.14
CA VAL A 184 31.48 28.09 -15.61
C VAL A 184 32.67 28.08 -14.66
N CYS A 185 33.76 28.71 -15.07
CA CYS A 185 34.94 28.83 -14.24
C CYS A 185 34.64 29.63 -12.99
N ALA A 186 34.03 30.80 -13.18
CA ALA A 186 33.75 31.71 -12.08
C ALA A 186 32.88 31.08 -10.99
N THR A 187 32.04 30.12 -11.38
CA THR A 187 31.17 29.43 -10.44
C THR A 187 31.95 28.37 -9.66
N LEU A 188 32.92 27.75 -10.33
CA LEU A 188 33.79 26.78 -9.68
C LEU A 188 34.91 27.51 -8.93
N ASP A 189 34.88 28.84 -9.00
CA ASP A 189 35.91 29.68 -8.40
C ASP A 189 37.30 29.31 -8.91
N GLU A 190 37.38 28.98 -10.19
CA GLU A 190 38.64 28.62 -10.83
C GLU A 190 39.05 29.69 -11.85
N ASN A 191 40.35 29.96 -11.91
CA ASN A 191 40.91 30.82 -12.95
C ASN A 191 41.91 30.01 -13.78
N PRO A 192 41.40 29.07 -14.57
CA PRO A 192 42.22 28.07 -15.26
C PRO A 192 43.22 28.67 -16.23
N GLY A 193 43.98 27.81 -16.89
CA GLY A 193 44.86 28.21 -17.96
C GLY A 193 44.30 27.65 -19.27
N VAL A 194 44.12 28.52 -20.26
CA VAL A 194 43.49 28.11 -21.50
C VAL A 194 44.47 27.46 -22.48
N ARG A 195 44.25 26.18 -22.75
CA ARG A 195 45.06 25.45 -23.70
C ARG A 195 44.16 24.71 -24.70
N TYR A 196 44.24 25.11 -25.96
CA TYR A 196 43.40 24.51 -26.99
C TYR A 196 44.05 23.27 -27.58
N LYS A 197 43.53 22.81 -28.71
CA LYS A 197 44.17 21.75 -29.47
C LYS A 197 44.51 22.32 -30.84
N SER A 198 45.58 21.81 -31.46
CA SER A 198 45.96 22.27 -32.78
C SER A 198 45.49 21.24 -33.80
N LYS A 199 44.36 20.61 -33.52
CA LYS A 199 43.83 19.54 -34.37
C LYS A 199 42.93 20.07 -35.49
N PRO A 200 41.69 19.54 -35.66
CA PRO A 200 40.97 20.02 -36.85
C PRO A 200 40.76 21.53 -36.89
N LEU A 201 40.53 22.05 -38.09
CA LEU A 201 40.35 23.49 -38.29
C LEU A 201 41.30 24.31 -37.44
N ASP A 202 40.73 25.14 -36.58
CA ASP A 202 41.50 26.00 -35.69
C ASP A 202 40.57 26.76 -34.77
N ASN A 203 39.30 26.36 -34.76
CA ASN A 203 38.29 27.01 -33.94
C ASN A 203 38.65 27.04 -32.46
N ALA A 204 39.11 25.90 -31.95
CA ALA A 204 39.46 25.79 -30.53
C ALA A 204 40.55 26.78 -30.13
N SER A 205 41.41 27.14 -31.08
CA SER A 205 42.47 28.11 -30.82
C SER A 205 41.89 29.52 -30.75
N LYS A 206 41.02 29.83 -31.70
CA LYS A 206 40.34 31.11 -31.71
C LYS A 206 39.51 31.29 -30.45
N LEU A 207 38.77 30.24 -30.09
CA LEU A 207 37.95 30.25 -28.90
C LEU A 207 38.81 30.36 -27.65
N ALA A 208 39.88 29.57 -27.61
CA ALA A 208 40.79 29.57 -26.47
C ALA A 208 41.37 30.96 -26.23
N GLN A 209 41.40 31.78 -27.28
CA GLN A 209 41.88 33.15 -27.18
C GLN A 209 40.81 34.06 -26.62
N LEU A 210 39.56 33.82 -27.02
CA LEU A 210 38.43 34.59 -26.52
C LEU A 210 38.21 34.34 -25.03
N VAL A 211 38.33 33.08 -24.64
CA VAL A 211 38.19 32.70 -23.23
C VAL A 211 39.33 33.25 -22.39
N GLU A 212 40.56 33.07 -22.88
CA GLU A 212 41.75 33.54 -22.18
C GLU A 212 41.70 35.04 -21.95
N LYS A 213 41.25 35.77 -22.97
CA LYS A 213 41.13 37.22 -22.87
C LYS A 213 39.92 37.60 -22.03
N LYS A 214 38.84 36.84 -22.18
CA LYS A 214 37.58 37.13 -21.50
C LYS A 214 37.72 37.09 -19.98
N LEU A 215 38.41 36.06 -19.48
CA LEU A 215 38.60 35.90 -18.04
C LEU A 215 39.82 36.68 -17.53
N GLU A 216 40.52 37.34 -18.44
CA GLU A 216 41.58 38.25 -18.05
C GLU A 216 40.95 39.58 -17.68
N ASP A 217 39.81 39.87 -18.31
CA ASP A 217 39.04 41.06 -18.02
C ASP A 217 38.13 40.76 -16.83
N TYR A 218 37.57 39.55 -16.81
CA TYR A 218 36.89 39.06 -15.61
C TYR A 218 37.95 38.90 -14.53
N TYR A 219 37.53 38.87 -13.28
CA TYR A 219 38.46 38.81 -12.15
C TYR A 219 39.18 40.15 -11.97
N LYS A 220 39.45 40.81 -13.09
CA LYS A 220 39.97 42.17 -13.06
C LYS A 220 38.84 43.10 -12.68
N ILE A 221 37.64 42.54 -12.59
CA ILE A 221 36.43 43.30 -12.29
C ILE A 221 35.48 42.54 -11.35
N ASP A 222 35.67 41.23 -11.26
CA ASP A 222 34.89 40.40 -10.34
C ASP A 222 34.84 41.05 -8.96
N GLU A 223 33.64 41.21 -8.43
CA GLU A 223 33.45 41.86 -7.13
C GLU A 223 33.39 40.87 -5.98
N LYS A 224 33.34 39.58 -6.30
CA LYS A 224 33.35 38.54 -5.27
C LYS A 224 34.67 38.54 -4.51
N GLY A 225 35.75 38.84 -5.22
CA GLY A 225 37.06 39.02 -4.61
C GLY A 225 37.75 37.74 -4.14
N LEU A 226 37.16 36.60 -4.49
CA LEU A 226 37.70 35.31 -4.04
C LEU A 226 38.93 34.89 -4.84
N ILE A 227 38.85 35.02 -6.17
CA ILE A 227 39.92 34.55 -7.04
C ILE A 227 40.54 35.68 -7.86
N LYS A 228 41.86 35.68 -7.93
CA LYS A 228 42.60 36.60 -8.81
C LYS A 228 43.93 35.95 -9.19
N GLY A 229 44.19 35.89 -10.49
CA GLY A 229 45.37 35.20 -10.98
C GLY A 229 45.08 33.72 -11.11
N LYS A 230 45.74 33.07 -12.08
CA LYS A 230 45.48 31.67 -12.38
C LYS A 230 45.55 30.76 -11.16
N THR A 231 44.63 29.81 -11.10
CA THR A 231 44.59 28.83 -10.01
C THR A 231 45.04 27.47 -10.52
N GLN A 232 45.07 26.48 -9.63
CA GLN A 232 45.54 25.15 -9.98
C GLN A 232 44.50 24.34 -10.76
N SER A 233 44.20 24.79 -11.97
CA SER A 233 43.28 24.08 -12.85
C SER A 233 43.49 24.51 -14.30
N GLN A 234 43.28 23.61 -15.25
CA GLN A 234 43.51 23.91 -16.64
C GLN A 234 42.28 23.63 -17.51
N LEU A 235 41.98 24.55 -18.41
CA LEU A 235 40.82 24.42 -19.28
C LEU A 235 41.21 24.00 -20.69
N LEU A 236 40.72 22.85 -21.12
CA LEU A 236 40.99 22.35 -22.46
C LEU A 236 39.85 22.67 -23.42
N ILE A 237 40.17 23.35 -24.51
CA ILE A 237 39.19 23.60 -25.56
C ILE A 237 39.55 22.78 -26.79
N ILE A 238 38.69 21.85 -27.15
CA ILE A 238 38.96 20.94 -28.27
C ILE A 238 37.81 20.92 -29.27
N ASP A 239 38.16 20.86 -30.55
CA ASP A 239 37.16 20.87 -31.61
C ASP A 239 36.63 19.46 -31.86
N ARG A 240 35.41 19.36 -32.38
CA ARG A 240 34.74 18.07 -32.51
C ARG A 240 35.46 17.08 -33.41
N GLY A 241 36.08 17.57 -34.47
CA GLY A 241 36.78 16.71 -35.41
C GLY A 241 37.72 15.73 -34.74
N PHE A 242 38.23 16.11 -33.57
CA PHE A 242 39.23 15.30 -32.87
C PHE A 242 38.82 13.84 -32.67
N ASP A 243 37.51 13.59 -32.65
CA ASP A 243 37.00 12.23 -32.48
C ASP A 243 35.62 12.08 -33.11
N PRO A 244 35.58 11.80 -34.42
CA PRO A 244 34.33 11.59 -35.15
C PRO A 244 33.73 10.23 -34.80
N VAL A 245 34.58 9.33 -34.32
CA VAL A 245 34.18 7.95 -34.05
C VAL A 245 33.08 7.86 -32.99
N SER A 246 33.43 8.23 -31.76
CA SER A 246 32.54 8.07 -30.61
C SER A 246 31.16 8.69 -30.79
N THR A 247 31.03 9.61 -31.73
CA THR A 247 29.76 10.29 -31.98
C THR A 247 28.76 9.39 -32.71
N VAL A 248 29.29 8.38 -33.41
CA VAL A 248 28.48 7.53 -34.27
C VAL A 248 28.22 6.15 -33.67
N LEU A 249 29.11 5.70 -32.79
CA LEU A 249 29.00 4.38 -32.19
C LEU A 249 27.69 4.15 -31.43
N HIS A 250 27.07 3.00 -31.67
CA HIS A 250 25.93 2.56 -30.88
C HIS A 250 26.42 2.11 -29.51
N GLU A 251 26.68 3.07 -28.63
CA GLU A 251 27.24 2.76 -27.32
C GLU A 251 26.34 1.81 -26.55
N LEU A 252 26.94 0.98 -25.69
CA LEU A 252 26.19 -0.04 -24.97
C LEU A 252 25.90 0.31 -23.51
N THR A 253 26.61 1.30 -22.97
CA THR A 253 26.32 1.76 -21.62
C THR A 253 24.93 2.38 -21.57
N PHE A 254 24.19 2.06 -20.53
CA PHE A 254 22.78 2.42 -20.42
C PHE A 254 22.43 3.79 -21.00
N GLN A 255 22.90 4.85 -20.35
CA GLN A 255 22.52 6.22 -20.74
C GLN A 255 22.77 6.52 -22.23
N ALA A 256 23.97 6.22 -22.70
CA ALA A 256 24.33 6.51 -24.08
C ALA A 256 23.49 5.74 -25.08
N MET A 257 23.01 4.58 -24.66
CA MET A 257 22.23 3.71 -25.54
C MET A 257 20.74 4.08 -25.53
N ALA A 258 20.27 4.59 -24.40
CA ALA A 258 18.87 4.99 -24.27
C ALA A 258 18.55 6.21 -25.13
N TYR A 259 19.26 7.30 -24.89
CA TYR A 259 19.07 8.54 -25.64
C TYR A 259 19.32 8.33 -27.13
N ASP A 260 20.02 7.26 -27.47
CA ASP A 260 20.32 6.95 -28.87
C ASP A 260 19.20 6.14 -29.51
N LEU A 261 18.85 5.02 -28.89
CA LEU A 261 17.83 4.13 -29.44
C LEU A 261 16.42 4.67 -29.22
N LEU A 262 16.06 4.86 -27.96
CA LEU A 262 14.72 5.33 -27.61
C LEU A 262 14.57 6.84 -27.86
N PRO A 263 13.32 7.30 -28.02
CA PRO A 263 13.01 8.72 -28.17
C PRO A 263 12.87 9.39 -26.80
N ILE A 264 13.99 9.82 -26.23
CA ILE A 264 13.95 10.48 -24.93
C ILE A 264 14.29 11.96 -25.05
N GLU A 265 13.36 12.73 -25.59
CA GLU A 265 13.53 14.17 -25.70
C GLU A 265 13.38 14.82 -24.32
N ASN A 266 14.23 15.80 -24.04
CA ASN A 266 14.21 16.50 -22.76
C ASN A 266 14.31 15.60 -21.53
N ASP A 267 15.22 14.64 -21.60
CA ASP A 267 15.53 13.78 -20.45
C ASP A 267 14.28 13.16 -19.82
N THR A 268 13.19 13.12 -20.59
CA THR A 268 11.94 12.55 -20.09
C THR A 268 11.43 11.42 -20.98
N TYR A 269 11.66 10.19 -20.54
CA TYR A 269 11.21 9.00 -21.26
C TYR A 269 9.74 8.72 -21.00
N LYS A 270 8.98 8.57 -22.09
CA LYS A 270 7.54 8.41 -21.99
C LYS A 270 7.10 6.95 -21.91
N TYR A 271 6.04 6.69 -21.15
CA TYR A 271 5.45 5.37 -21.04
C TYR A 271 4.70 5.05 -22.34
N LYS A 272 4.02 3.90 -22.46
CA LYS A 272 3.78 2.90 -21.42
C LYS A 272 5.03 2.34 -20.75
N THR A 273 4.86 1.62 -19.63
CA THR A 273 3.55 1.27 -19.08
C THR A 273 3.08 2.26 -18.00
N ASP A 274 1.79 2.29 -17.71
CA ASP A 274 0.81 1.38 -18.33
C ASP A 274 -0.41 2.12 -18.84
N GLY A 275 -1.43 2.24 -17.99
CA GLY A 275 -2.67 2.89 -18.37
C GLY A 275 -3.18 3.86 -17.31
N LYS A 276 -3.19 5.15 -17.65
CA LYS A 276 -2.71 5.60 -18.95
C LYS A 276 -1.19 5.75 -18.96
N GLU A 277 -0.64 6.14 -20.09
CA GLU A 277 0.80 6.29 -20.24
C GLU A 277 1.29 7.60 -19.64
N LYS A 278 2.11 7.50 -18.59
CA LYS A 278 2.71 8.67 -17.97
C LYS A 278 4.10 8.93 -18.54
N GLU A 279 5.03 9.30 -17.66
CA GLU A 279 6.40 9.60 -18.08
C GLU A 279 7.35 9.67 -16.89
N ALA A 280 8.63 9.46 -17.15
CA ALA A 280 9.65 9.52 -16.11
C ALA A 280 10.79 10.45 -16.53
N VAL A 281 11.50 10.98 -15.54
CA VAL A 281 12.59 11.91 -15.81
C VAL A 281 13.94 11.34 -15.38
N LEU A 282 14.90 11.35 -16.31
CA LEU A 282 16.23 10.81 -16.03
C LEU A 282 17.14 11.88 -15.42
N GLU A 283 16.92 12.16 -14.14
CA GLU A 283 17.72 13.15 -13.43
C GLU A 283 18.48 12.51 -12.27
N GLU A 284 19.25 13.31 -11.55
CA GLU A 284 20.06 12.80 -10.45
C GLU A 284 19.29 12.74 -9.13
N ASP A 285 18.11 13.35 -9.11
CA ASP A 285 17.23 13.27 -7.95
C ASP A 285 16.68 11.85 -7.84
N ASP A 286 16.81 11.11 -8.93
CA ASP A 286 16.37 9.71 -8.97
C ASP A 286 17.31 8.83 -8.14
N ASP A 287 18.60 9.12 -8.23
CA ASP A 287 19.65 8.40 -7.49
C ASP A 287 19.74 6.91 -7.80
N LEU A 288 18.67 6.35 -8.35
CA LEU A 288 18.68 4.96 -8.78
C LEU A 288 19.21 4.88 -10.20
N TRP A 289 18.76 5.80 -11.04
CA TRP A 289 19.24 5.90 -12.42
C TRP A 289 20.65 6.48 -12.45
N VAL A 290 21.10 6.99 -11.30
CA VAL A 290 22.44 7.54 -11.18
C VAL A 290 23.46 6.42 -10.99
N ARG A 291 23.00 5.30 -10.45
CA ARG A 291 23.86 4.14 -10.22
C ARG A 291 23.92 3.24 -11.44
N VAL A 292 23.08 3.51 -12.43
CA VAL A 292 22.91 2.61 -13.56
C VAL A 292 23.28 3.24 -14.91
N ARG A 293 23.08 4.55 -15.01
CA ARG A 293 23.24 5.26 -16.29
C ARG A 293 24.63 5.09 -16.92
N HIS A 294 25.61 4.66 -16.15
CA HIS A 294 26.97 4.52 -16.66
C HIS A 294 27.46 3.06 -16.69
N ARG A 295 26.59 2.13 -16.29
CA ARG A 295 26.93 0.72 -16.32
C ARG A 295 26.50 0.08 -17.63
N HIS A 296 27.23 -0.94 -18.07
CA HIS A 296 26.92 -1.63 -19.30
C HIS A 296 25.56 -2.32 -19.20
N ILE A 297 24.88 -2.48 -20.33
CA ILE A 297 23.51 -2.99 -20.36
C ILE A 297 23.34 -4.32 -19.62
N ALA A 298 24.32 -5.21 -19.73
CA ALA A 298 24.24 -6.51 -19.09
C ALA A 298 24.47 -6.41 -17.58
N VAL A 299 25.54 -5.72 -17.19
CA VAL A 299 25.84 -5.48 -15.79
C VAL A 299 24.67 -4.74 -15.13
N VAL A 300 24.02 -3.89 -15.92
CA VAL A 300 22.85 -3.14 -15.46
C VAL A 300 21.77 -4.09 -14.93
N LEU A 301 21.35 -5.02 -15.79
CA LEU A 301 20.29 -5.94 -15.43
C LEU A 301 20.65 -6.78 -14.21
N GLU A 302 21.89 -7.27 -14.17
CA GLU A 302 22.32 -8.17 -13.12
C GLU A 302 22.87 -7.46 -11.89
N GLU A 303 22.22 -6.36 -11.50
CA GLU A 303 22.63 -5.61 -10.33
C GLU A 303 21.48 -4.90 -9.64
N ILE A 304 20.25 -5.22 -10.03
CA ILE A 304 19.07 -4.59 -9.46
C ILE A 304 17.78 -5.30 -9.86
N PRO A 305 17.85 -6.09 -10.93
CA PRO A 305 16.66 -6.74 -11.47
C PRO A 305 16.16 -7.88 -10.59
N LYS A 306 15.78 -8.98 -11.25
CA LYS A 306 15.18 -10.11 -10.56
C LYS A 306 15.99 -10.59 -9.35
N LEU A 307 15.44 -10.40 -8.16
CA LEU A 307 14.12 -9.79 -8.00
C LEU A 307 13.89 -9.31 -6.57
N MET A 308 14.76 -9.72 -5.66
CA MET A 308 14.52 -9.52 -4.23
C MET A 308 13.17 -10.13 -3.90
N LYS A 309 12.90 -11.27 -4.54
CA LYS A 309 11.60 -11.94 -4.43
C LYS A 309 11.80 -13.41 -4.03
N GLU A 310 10.74 -14.08 -3.61
CA GLU A 310 9.40 -13.50 -3.52
C GLU A 310 9.29 -12.52 -2.35
N ILE A 311 9.08 -11.25 -2.68
CA ILE A 311 8.94 -10.20 -1.67
C ILE A 311 9.91 -10.41 -0.50
N SER A 312 11.20 -10.28 -0.78
CA SER A 312 12.24 -10.52 0.23
C SER A 312 12.01 -11.84 0.96
N SER A 313 11.85 -11.75 2.28
CA SER A 313 11.60 -12.94 3.10
C SER A 313 10.14 -13.06 3.48
N THR A 314 9.26 -12.76 2.53
CA THR A 314 7.82 -12.81 2.78
C THR A 314 7.08 -13.45 1.60
N LYS A 315 6.10 -14.30 1.92
CA LYS A 315 5.74 -14.58 3.30
C LYS A 315 5.49 -16.08 3.50
N SER A 323 4.35 -17.13 12.84
CA SER A 323 5.76 -16.78 13.03
C SER A 323 6.09 -15.43 12.39
N LEU A 324 6.18 -14.40 13.22
CA LEU A 324 6.50 -13.06 12.73
C LEU A 324 6.73 -12.08 13.88
N SER A 325 7.94 -12.10 14.44
CA SER A 325 8.30 -11.17 15.50
C SER A 325 8.36 -9.74 14.95
N ALA A 326 8.87 -9.62 13.74
CA ALA A 326 8.92 -8.32 13.06
C ALA A 326 7.79 -8.21 12.05
N LEU A 327 6.61 -8.66 12.45
CA LEU A 327 5.44 -8.63 11.58
C LEU A 327 5.06 -7.20 11.21
N THR A 328 4.99 -6.34 12.22
CA THR A 328 4.66 -4.94 12.00
C THR A 328 5.75 -4.22 11.24
N GLN A 329 6.99 -4.64 11.46
CA GLN A 329 8.13 -4.07 10.74
C GLN A 329 8.01 -4.31 9.25
N LEU A 330 7.65 -5.55 8.89
CA LEU A 330 7.48 -5.91 7.49
C LEU A 330 6.24 -5.26 6.89
N MET A 331 5.34 -4.82 7.77
CA MET A 331 4.11 -4.16 7.33
C MET A 331 4.35 -2.68 7.05
N LYS A 332 5.26 -2.08 7.81
CA LYS A 332 5.59 -0.67 7.63
C LYS A 332 6.72 -0.50 6.62
N LYS A 333 7.61 -1.49 6.56
CA LYS A 333 8.73 -1.46 5.63
C LYS A 333 8.24 -1.58 4.19
N MET A 334 7.07 -2.19 4.02
CA MET A 334 6.49 -2.36 2.69
C MET A 334 5.78 -1.10 2.24
N PRO A 335 5.25 -0.35 3.20
CA PRO A 335 4.52 0.88 2.90
C PRO A 335 5.42 1.91 2.22
N HIS A 336 6.65 2.02 2.70
CA HIS A 336 7.61 2.97 2.15
C HIS A 336 8.37 2.37 0.96
N PHE A 337 8.44 1.04 0.91
CA PHE A 337 9.14 0.35 -0.17
C PHE A 337 8.27 0.25 -1.42
N ARG A 338 7.05 0.77 -1.33
CA ARG A 338 6.14 0.77 -2.47
C ARG A 338 6.55 1.82 -3.50
N LYS A 339 7.63 2.55 -3.19
CA LYS A 339 8.17 3.56 -4.09
C LYS A 339 9.50 3.11 -4.66
N GLN A 340 10.25 2.34 -3.89
CA GLN A 340 11.52 1.79 -4.34
C GLN A 340 11.28 0.79 -5.47
N ILE A 341 10.14 0.11 -5.42
CA ILE A 341 9.76 -0.84 -6.46
C ILE A 341 9.09 -0.11 -7.62
N SER A 342 8.35 0.94 -7.29
CA SER A 342 7.68 1.74 -8.31
C SER A 342 8.71 2.43 -9.21
N LYS A 343 9.89 2.70 -8.66
CA LYS A 343 10.95 3.35 -9.40
C LYS A 343 11.81 2.32 -10.13
N GLN A 344 12.06 1.19 -9.46
CA GLN A 344 12.83 0.11 -10.06
C GLN A 344 12.12 -0.43 -11.30
N VAL A 345 10.82 -0.18 -11.38
CA VAL A 345 10.02 -0.62 -12.51
C VAL A 345 10.26 0.26 -13.72
N VAL A 346 10.18 1.58 -13.53
CA VAL A 346 10.42 2.53 -14.60
C VAL A 346 11.79 2.32 -15.22
N HIS A 347 12.81 2.26 -14.37
CA HIS A 347 14.18 2.05 -14.84
C HIS A 347 14.40 0.61 -15.30
N LEU A 348 13.30 -0.12 -15.46
CA LEU A 348 13.36 -1.49 -15.95
C LEU A 348 12.61 -1.62 -17.28
N ASN A 349 11.47 -0.94 -17.37
CA ASN A 349 10.71 -0.90 -18.62
C ASN A 349 11.49 -0.18 -19.71
N LEU A 350 12.06 0.96 -19.35
CA LEU A 350 12.92 1.70 -20.27
C LEU A 350 14.11 0.83 -20.66
N ALA A 351 14.58 0.03 -19.71
CA ALA A 351 15.67 -0.89 -19.97
C ALA A 351 15.22 -2.02 -20.90
N GLU A 352 13.93 -2.36 -20.83
CA GLU A 352 13.35 -3.36 -21.70
C GLU A 352 13.23 -2.84 -23.12
N ASP A 353 12.65 -1.66 -23.26
CA ASP A 353 12.47 -1.03 -24.56
C ASP A 353 13.80 -0.94 -25.31
N CYS A 354 14.89 -0.90 -24.57
CA CYS A 354 16.22 -0.89 -25.16
C CYS A 354 16.69 -2.32 -25.45
N MET A 355 16.47 -3.21 -24.49
CA MET A 355 16.86 -4.61 -24.64
C MET A 355 16.22 -5.22 -25.90
N ASN A 356 15.01 -4.80 -26.21
CA ASN A 356 14.32 -5.26 -27.40
C ASN A 356 15.06 -4.85 -28.67
N LYS A 357 15.13 -3.54 -28.91
CA LYS A 357 15.83 -3.01 -30.07
C LYS A 357 17.23 -3.59 -30.19
N PHE A 358 17.75 -4.09 -29.09
CA PHE A 358 19.07 -4.71 -29.07
C PHE A 358 19.02 -6.11 -29.68
N LYS A 359 18.19 -6.98 -29.12
CA LYS A 359 18.08 -8.36 -29.60
C LYS A 359 17.44 -8.42 -30.98
N LEU A 360 16.76 -7.34 -31.38
CA LEU A 360 16.09 -7.30 -32.67
C LEU A 360 17.07 -7.11 -33.83
N ASN A 361 18.07 -6.26 -33.63
CA ASN A 361 19.08 -6.03 -34.66
C ASN A 361 20.30 -5.23 -34.19
N ILE A 362 20.12 -4.40 -33.17
CA ILE A 362 21.20 -3.58 -32.65
C ILE A 362 22.40 -4.42 -32.23
N GLU A 363 22.12 -5.58 -31.63
CA GLU A 363 23.16 -6.50 -31.20
C GLU A 363 24.08 -6.86 -32.36
N LYS A 364 23.47 -7.26 -33.48
CA LYS A 364 24.23 -7.64 -34.66
C LYS A 364 24.98 -6.46 -35.24
N LEU A 365 24.37 -5.28 -35.17
CA LEU A 365 24.98 -4.06 -35.70
C LEU A 365 26.26 -3.70 -34.94
N CYS A 366 26.28 -4.00 -33.65
CA CYS A 366 27.43 -3.69 -32.81
C CYS A 366 28.64 -4.56 -33.16
N LYS A 367 28.37 -5.82 -33.49
CA LYS A 367 29.43 -6.77 -33.82
C LYS A 367 30.41 -6.19 -34.83
N THR A 368 29.87 -5.77 -35.98
CA THR A 368 30.70 -5.28 -37.08
C THR A 368 31.07 -3.81 -36.94
N GLU A 369 30.46 -3.13 -35.98
CA GLU A 369 30.79 -1.72 -35.72
C GLU A 369 32.05 -1.58 -34.87
N GLN A 370 32.11 -2.35 -33.79
CA GLN A 370 33.27 -2.33 -32.90
C GLN A 370 34.51 -2.79 -33.65
N ASP A 371 34.36 -3.86 -34.43
CA ASP A 371 35.47 -4.42 -35.19
C ASP A 371 35.95 -3.45 -36.27
N LEU A 372 35.10 -2.49 -36.62
CA LEU A 372 35.44 -1.51 -37.64
C LEU A 372 35.99 -0.23 -37.02
N ALA A 373 35.35 0.23 -35.96
CA ALA A 373 35.80 1.43 -35.25
C ALA A 373 37.20 1.23 -34.72
N LEU A 374 37.48 0.04 -34.21
CA LEU A 374 38.82 -0.32 -33.76
C LEU A 374 39.65 -0.84 -34.94
N GLY A 375 38.96 -1.40 -35.94
CA GLY A 375 39.62 -1.89 -37.13
C GLY A 375 40.48 -3.11 -36.88
N THR A 376 40.63 -3.47 -35.61
CA THR A 376 41.44 -4.61 -35.22
C THR A 376 40.81 -5.37 -34.06
N ASP A 377 39.56 -5.02 -33.74
CA ASP A 377 38.85 -5.64 -32.63
C ASP A 377 38.44 -7.07 -32.97
N ALA A 378 37.61 -7.66 -32.11
CA ALA A 378 37.16 -9.04 -32.28
C ALA A 378 38.35 -9.98 -32.43
N GLU A 379 39.43 -9.67 -31.73
CA GLU A 379 40.66 -10.47 -31.78
C GLU A 379 41.37 -10.34 -33.12
N GLY A 380 40.61 -10.00 -34.16
CA GLY A 380 41.16 -9.87 -35.50
C GLY A 380 42.15 -8.73 -35.63
N GLN A 381 43.41 -9.01 -35.29
CA GLN A 381 44.46 -8.01 -35.37
C GLN A 381 44.71 -7.60 -36.82
N ARG A 382 44.90 -6.31 -37.05
CA ARG A 382 45.17 -5.76 -38.38
C ARG A 382 43.95 -5.78 -39.30
N VAL A 383 43.45 -6.98 -39.60
CA VAL A 383 42.25 -7.16 -40.40
C VAL A 383 42.47 -7.06 -41.91
N LYS A 384 43.04 -5.95 -42.36
CA LYS A 384 43.23 -5.67 -43.78
C LYS A 384 41.97 -5.07 -44.40
N ASP A 385 41.43 -5.74 -45.43
CA ASP A 385 40.22 -5.28 -46.08
C ASP A 385 39.07 -5.12 -45.10
N SER A 386 38.73 -3.87 -44.79
CA SER A 386 37.70 -3.58 -43.80
C SER A 386 36.31 -3.47 -44.45
N MET A 387 36.28 -3.29 -45.77
CA MET A 387 35.02 -3.21 -46.48
C MET A 387 34.32 -4.57 -46.45
N LEU A 388 35.08 -5.61 -46.12
CA LEU A 388 34.51 -6.94 -45.92
C LEU A 388 33.82 -7.02 -44.57
N VAL A 389 34.29 -6.20 -43.63
CA VAL A 389 33.72 -6.15 -42.29
C VAL A 389 32.38 -5.41 -42.29
N LEU A 390 32.28 -4.39 -43.13
CA LEU A 390 31.09 -3.56 -43.19
C LEU A 390 29.92 -4.26 -43.88
N LEU A 391 30.24 -5.17 -44.79
CA LEU A 391 29.23 -5.88 -45.56
C LEU A 391 28.01 -6.30 -44.74
N PRO A 392 28.22 -7.14 -43.71
CA PRO A 392 27.11 -7.70 -42.93
C PRO A 392 25.94 -6.74 -42.78
N VAL A 393 26.21 -5.52 -42.35
CA VAL A 393 25.15 -4.52 -42.17
C VAL A 393 24.65 -3.99 -43.51
N LEU A 394 23.96 -4.83 -44.26
CA LEU A 394 23.39 -4.44 -45.54
C LEU A 394 22.16 -5.30 -45.83
N LEU A 395 22.27 -6.59 -45.54
CA LEU A 395 21.15 -7.51 -45.71
C LEU A 395 20.45 -7.76 -44.37
N ASN A 396 21.12 -7.35 -43.30
CA ASN A 396 20.53 -7.43 -41.96
C ASN A 396 19.59 -6.26 -41.75
N LYS A 397 18.85 -5.89 -42.79
CA LYS A 397 18.04 -4.69 -42.78
C LYS A 397 16.60 -4.91 -43.22
N ASN A 398 15.64 -4.95 -42.29
CA ASN A 398 15.87 -4.95 -40.84
C ASN A 398 16.69 -3.79 -40.25
N HIS A 399 16.86 -2.71 -41.00
CA HIS A 399 17.63 -1.57 -40.53
C HIS A 399 17.02 -0.25 -40.98
N ASP A 400 17.58 0.85 -40.47
CA ASP A 400 17.16 2.18 -40.88
C ASP A 400 18.31 2.85 -41.60
N ASN A 401 18.00 3.73 -42.54
CA ASN A 401 19.02 4.46 -43.28
C ASN A 401 19.95 5.24 -42.36
N CYS A 402 19.51 5.42 -41.12
CA CYS A 402 20.33 6.07 -40.10
C CYS A 402 21.52 5.18 -39.75
N ASP A 403 21.22 3.97 -39.28
CA ASP A 403 22.25 3.00 -38.91
C ASP A 403 23.18 2.74 -40.09
N LYS A 404 22.62 2.75 -41.30
CA LYS A 404 23.38 2.49 -42.51
C LYS A 404 24.49 3.51 -42.74
N ILE A 405 24.14 4.79 -42.60
CA ILE A 405 25.10 5.87 -42.77
C ILE A 405 26.15 5.86 -41.66
N ARG A 406 25.69 5.56 -40.45
CA ARG A 406 26.59 5.49 -39.29
C ARG A 406 27.67 4.44 -39.49
N ALA A 407 27.27 3.28 -40.02
CA ALA A 407 28.21 2.20 -40.28
C ALA A 407 29.26 2.61 -41.31
N VAL A 408 28.80 3.23 -42.40
CA VAL A 408 29.71 3.69 -43.45
C VAL A 408 30.67 4.76 -42.92
N LEU A 409 30.13 5.69 -42.13
CA LEU A 409 30.96 6.74 -41.54
C LEU A 409 32.15 6.14 -40.79
N LEU A 410 31.90 5.06 -40.07
CA LEU A 410 32.97 4.37 -39.34
C LEU A 410 34.01 3.82 -40.31
N TYR A 411 33.54 3.22 -41.39
CA TYR A 411 34.42 2.66 -42.41
C TYR A 411 35.38 3.72 -42.96
N ILE A 412 34.85 4.89 -43.28
CA ILE A 412 35.65 5.97 -43.81
C ILE A 412 36.63 6.51 -42.76
N PHE A 413 36.13 6.68 -41.54
CA PHE A 413 36.98 7.13 -40.45
C PHE A 413 38.07 6.10 -40.17
N GLY A 414 37.77 4.83 -40.44
CA GLY A 414 38.70 3.75 -40.23
C GLY A 414 39.79 3.69 -41.27
N ILE A 415 39.47 4.10 -42.48
CA ILE A 415 40.44 4.13 -43.56
C ILE A 415 40.80 5.57 -43.94
N ASN A 416 40.50 6.50 -43.02
CA ASN A 416 40.74 7.91 -43.27
C ASN A 416 40.21 8.36 -44.62
N GLY A 417 40.89 9.32 -45.24
CA GLY A 417 40.46 9.84 -46.53
C GLY A 417 40.25 8.75 -47.57
N THR A 418 39.01 8.59 -48.02
CA THR A 418 38.67 7.60 -49.03
C THR A 418 38.80 8.20 -50.43
N THR A 419 38.36 7.46 -51.43
CA THR A 419 38.39 7.94 -52.81
C THR A 419 37.08 8.66 -53.15
N GLU A 420 37.10 9.42 -54.24
CA GLU A 420 35.92 10.17 -54.66
C GLU A 420 34.93 9.27 -55.39
N GLU A 421 35.45 8.31 -56.14
CA GLU A 421 34.61 7.41 -56.94
C GLU A 421 33.96 6.32 -56.11
N ASN A 422 34.75 5.63 -55.29
CA ASN A 422 34.22 4.57 -54.44
C ASN A 422 33.14 5.07 -53.49
N LEU A 423 33.36 6.24 -52.91
CA LEU A 423 32.37 6.85 -52.03
C LEU A 423 31.06 7.06 -52.76
N ASP A 424 31.14 7.51 -54.01
CA ASP A 424 29.96 7.75 -54.83
C ASP A 424 29.10 6.50 -54.94
N ARG A 425 29.71 5.39 -55.35
CA ARG A 425 28.99 4.14 -55.52
C ARG A 425 28.15 3.80 -54.31
N LEU A 426 28.70 4.04 -53.12
CA LEU A 426 27.98 3.78 -51.89
C LEU A 426 26.69 4.58 -51.80
N ILE A 427 26.80 5.89 -52.01
CA ILE A 427 25.64 6.78 -51.93
C ILE A 427 24.60 6.42 -52.99
N HIS A 428 24.94 5.50 -53.88
CA HIS A 428 24.01 5.03 -54.90
C HIS A 428 23.52 3.61 -54.62
N ASN A 429 24.38 2.63 -54.86
CA ASN A 429 24.00 1.23 -54.68
C ASN A 429 23.83 0.82 -53.22
N VAL A 430 23.65 1.81 -52.36
CA VAL A 430 23.33 1.57 -50.96
C VAL A 430 22.24 2.55 -50.53
N LYS A 431 21.29 2.78 -51.43
CA LYS A 431 20.22 3.74 -51.20
C LYS A 431 20.81 5.09 -50.80
N ILE A 432 20.50 5.54 -49.58
CA ILE A 432 21.02 6.79 -49.04
C ILE A 432 21.15 7.89 -50.08
N GLU A 433 20.15 8.00 -50.96
CA GLU A 433 20.14 9.04 -51.97
C GLU A 433 20.01 10.39 -51.29
N ASP A 434 18.81 10.68 -50.80
CA ASP A 434 18.62 11.85 -49.95
C ASP A 434 19.39 11.63 -48.65
N ASP A 435 19.52 12.68 -47.85
CA ASP A 435 20.28 12.58 -46.60
C ASP A 435 21.71 12.12 -46.88
N SER A 436 22.18 12.43 -48.09
CA SER A 436 23.52 12.01 -48.51
C SER A 436 24.60 12.91 -47.91
N ASP A 437 24.22 14.13 -47.56
CA ASP A 437 25.16 15.10 -46.99
C ASP A 437 25.53 14.74 -45.56
N MET A 438 24.85 13.74 -44.99
CA MET A 438 25.18 13.26 -43.65
C MET A 438 26.59 12.68 -43.63
N ILE A 439 27.16 12.50 -44.82
CA ILE A 439 28.52 11.99 -44.96
C ILE A 439 29.42 13.06 -45.54
N ARG A 440 28.90 13.80 -46.51
CA ARG A 440 29.66 14.85 -47.20
C ARG A 440 30.15 15.94 -46.25
N ASN A 441 29.24 16.50 -45.45
CA ASN A 441 29.55 17.67 -44.63
C ASN A 441 30.53 17.42 -43.48
N TRP A 442 30.84 16.16 -43.20
CA TRP A 442 31.77 15.82 -42.13
C TRP A 442 33.14 16.48 -42.35
N SER A 443 33.41 16.88 -43.58
CA SER A 443 34.68 17.51 -43.92
C SER A 443 34.75 18.92 -43.35
N HIS A 444 33.60 19.56 -43.20
CA HIS A 444 33.52 20.90 -42.63
C HIS A 444 33.91 20.90 -41.16
N LEU A 445 33.91 19.72 -40.55
CA LEU A 445 34.28 19.58 -39.16
C LEU A 445 35.76 19.27 -38.99
N GLY A 446 36.47 19.19 -40.12
CA GLY A 446 37.90 18.95 -40.11
C GLY A 446 38.26 17.48 -40.24
N VAL A 447 37.31 16.68 -40.70
CA VAL A 447 37.53 15.26 -40.89
C VAL A 447 37.56 14.91 -42.37
N PRO A 448 38.66 14.29 -42.82
CA PRO A 448 38.84 13.92 -44.23
C PRO A 448 37.64 13.15 -44.78
N ILE A 449 37.20 13.53 -45.98
CA ILE A 449 36.09 12.84 -46.64
C ILE A 449 36.51 12.39 -48.03
N VAL A 450 37.23 13.25 -48.73
CA VAL A 450 37.72 12.93 -50.07
C VAL A 450 39.25 12.87 -50.18
N PRO A 451 39.96 13.79 -49.51
CA PRO A 451 41.43 13.74 -49.57
C PRO A 451 41.98 12.62 -48.68
N PRO A 452 42.58 11.58 -49.29
CA PRO A 452 43.12 10.45 -48.53
C PRO A 452 44.11 10.88 -47.45
N SER A 453 44.26 10.06 -46.42
CA SER A 453 45.23 10.29 -45.36
C SER A 453 44.88 11.50 -44.48
N GLN A 454 45.73 12.53 -44.58
CA GLN A 454 45.66 13.74 -43.75
C GLN A 454 46.74 13.74 -42.68
N GLN A 455 46.34 13.93 -41.43
CA GLN A 455 47.28 13.95 -40.32
C GLN A 455 47.73 12.53 -39.94
N ALA A 456 47.28 11.56 -40.73
CA ALA A 456 47.64 10.15 -40.50
C ALA A 456 47.19 9.68 -39.12
N LYS A 457 46.11 10.26 -38.61
CA LYS A 457 45.54 9.87 -37.32
C LYS A 457 46.47 10.19 -36.15
N PRO A 458 45.89 10.39 -34.96
CA PRO A 458 46.65 10.65 -33.73
C PRO A 458 47.26 9.37 -33.16
N LEU A 459 47.75 9.45 -31.93
CA LEU A 459 48.30 8.29 -31.24
C LEU A 459 47.64 8.14 -29.87
N ARG A 460 47.00 7.00 -29.66
CA ARG A 460 46.26 6.78 -28.42
C ARG A 460 46.94 5.77 -27.50
N LYS A 461 46.42 5.65 -26.28
CA LYS A 461 46.98 4.74 -25.29
C LYS A 461 46.83 3.28 -25.70
N ASP A 462 47.67 2.42 -25.14
CA ASP A 462 47.67 1.01 -25.47
C ASP A 462 46.49 0.26 -24.86
N ARG A 463 46.78 -0.56 -23.85
CA ARG A 463 45.75 -1.36 -23.18
C ARG A 463 44.42 -0.64 -23.10
N SER A 464 43.33 -1.26 -23.54
CA SER A 464 43.30 -2.64 -24.06
C SER A 464 43.73 -3.70 -23.06
N ALA A 465 43.42 -3.47 -21.79
CA ALA A 465 43.65 -4.46 -20.75
C ALA A 465 42.54 -5.50 -20.79
N GLU A 466 41.50 -5.29 -19.98
CA GLU A 466 40.32 -6.13 -20.00
C GLU A 466 39.18 -5.40 -20.73
N GLU A 467 38.19 -6.15 -21.18
CA GLU A 467 37.05 -5.56 -21.88
C GLU A 467 35.93 -6.58 -22.06
N THR A 468 35.16 -6.80 -20.99
CA THR A 468 34.05 -7.74 -21.03
C THR A 468 33.09 -7.40 -22.18
N PHE A 469 32.27 -8.37 -22.57
CA PHE A 469 31.29 -8.19 -23.63
C PHE A 469 31.95 -8.19 -25.02
N GLN A 470 33.21 -7.78 -25.06
CA GLN A 470 33.95 -7.72 -26.32
C GLN A 470 33.17 -6.99 -27.40
N LEU A 471 32.45 -5.94 -27.00
CA LEU A 471 31.66 -5.16 -27.93
C LEU A 471 31.93 -3.67 -27.75
N SER A 472 32.11 -3.25 -26.50
CA SER A 472 32.38 -1.86 -26.18
C SER A 472 33.85 -1.65 -25.84
N ARG A 473 34.73 -2.28 -26.61
CA ARG A 473 36.16 -2.17 -26.40
C ARG A 473 36.70 -0.83 -26.90
N TRP A 474 35.80 0.01 -27.39
CA TRP A 474 36.18 1.33 -27.88
C TRP A 474 36.17 2.36 -26.76
N THR A 475 37.23 3.15 -26.69
CA THR A 475 37.33 4.21 -25.69
C THR A 475 37.45 5.56 -26.37
N PRO A 476 36.54 6.49 -26.06
CA PRO A 476 36.58 7.84 -26.63
C PRO A 476 37.97 8.46 -26.43
N PHE A 477 38.36 9.35 -27.34
CA PHE A 477 39.71 9.89 -27.34
C PHE A 477 39.96 10.90 -26.22
N ILE A 478 38.89 11.39 -25.59
CA ILE A 478 39.04 12.32 -24.48
C ILE A 478 39.60 11.64 -23.22
N LYS A 479 39.19 10.39 -23.00
CA LYS A 479 39.66 9.66 -21.82
C LYS A 479 41.18 9.51 -21.86
N ASP A 480 41.72 9.34 -23.06
CA ASP A 480 43.16 9.27 -23.25
C ASP A 480 43.76 10.67 -23.20
N ILE A 481 42.90 11.68 -23.23
CA ILE A 481 43.33 13.07 -23.13
C ILE A 481 43.26 13.55 -21.67
N MET A 482 42.18 13.17 -21.00
CA MET A 482 42.01 13.49 -19.58
C MET A 482 43.22 13.00 -18.80
N GLU A 483 43.50 11.70 -18.94
CA GLU A 483 44.63 11.09 -18.25
C GLU A 483 45.96 11.63 -18.75
N ASP A 484 45.99 12.03 -20.02
CA ASP A 484 47.18 12.63 -20.61
C ASP A 484 47.38 14.05 -20.06
N ALA A 485 46.39 14.53 -19.32
CA ALA A 485 46.47 15.84 -18.69
C ALA A 485 46.81 15.69 -17.21
N ILE A 486 46.14 14.77 -16.55
CA ILE A 486 46.40 14.48 -15.15
C ILE A 486 47.80 13.92 -14.98
N ASP A 487 48.16 12.95 -15.80
CA ASP A 487 49.48 12.36 -15.79
C ASP A 487 50.50 13.33 -16.38
N ASN A 488 50.01 14.50 -16.80
CA ASN A 488 50.85 15.58 -17.31
C ASN A 488 51.35 15.36 -18.73
N ARG A 489 51.70 14.12 -19.06
CA ARG A 489 52.24 13.78 -20.38
C ARG A 489 51.29 14.18 -21.50
N LEU A 490 51.50 15.37 -22.05
CA LEU A 490 50.67 15.88 -23.13
C LEU A 490 51.47 16.77 -24.07
N ASP A 491 51.48 16.43 -25.36
CA ASP A 491 52.25 17.17 -26.36
C ASP A 491 52.04 18.68 -26.25
N SER A 492 53.14 19.42 -26.10
CA SER A 492 53.08 20.87 -25.96
C SER A 492 52.90 21.56 -27.31
N LYS A 493 53.14 20.81 -28.38
CA LYS A 493 52.97 21.35 -29.73
C LYS A 493 51.54 21.14 -30.21
N GLU A 494 50.92 20.05 -29.76
CA GLU A 494 49.56 19.72 -30.15
C GLU A 494 48.56 20.29 -29.16
N TRP A 495 49.08 20.80 -28.05
CA TRP A 495 48.24 21.38 -27.00
C TRP A 495 48.87 22.65 -26.44
N PRO A 496 48.85 23.72 -27.24
CA PRO A 496 49.48 25.01 -26.92
C PRO A 496 48.94 25.67 -25.66
N TYR A 497 49.12 26.98 -25.57
CA TYR A 497 48.70 27.74 -24.39
C TYR A 497 48.13 29.10 -24.77
N ARG A 518 53.83 35.88 13.24
CA ARG A 518 53.28 35.32 12.00
C ARG A 518 53.64 36.21 10.81
N THR A 519 52.87 37.27 10.61
CA THR A 519 53.12 38.23 9.53
C THR A 519 52.88 37.63 8.15
N ASN A 520 53.93 37.62 7.34
CA ASN A 520 53.82 37.13 5.95
C ASN A 520 52.76 37.91 5.18
N TYR A 521 52.09 37.23 4.25
CA TYR A 521 51.04 37.86 3.46
C TYR A 521 50.23 36.82 2.68
N LEU A 522 50.89 36.13 1.75
CA LEU A 522 50.26 35.09 0.95
C LEU A 522 49.01 35.62 0.22
N GLU A 523 48.10 34.70 -0.09
CA GLU A 523 46.86 35.05 -0.79
C GLU A 523 45.85 33.92 -0.69
N LEU A 524 45.71 33.36 0.52
CA LEU A 524 44.80 32.26 0.80
C LEU A 524 43.43 32.44 0.16
N ASP A 525 42.73 31.35 -0.15
CA ASP A 525 43.20 29.97 0.03
C ASP A 525 42.27 28.99 -0.68
N ARG A 526 41.66 28.11 0.11
CA ARG A 526 40.74 27.09 -0.36
C ARG A 526 39.51 27.71 -1.06
N LYS A 527 38.60 26.89 -1.55
CA LYS A 527 38.66 25.43 -1.43
C LYS A 527 38.92 24.73 -2.76
N ASN A 528 37.97 24.85 -3.68
CA ASN A 528 38.03 24.23 -5.00
C ASN A 528 39.05 23.09 -5.16
N GLY A 529 40.31 23.46 -5.41
CA GLY A 529 41.40 22.51 -5.62
C GLY A 529 41.50 22.06 -7.07
N SER A 530 42.33 21.05 -7.31
CA SER A 530 42.60 20.57 -8.67
C SER A 530 41.33 20.21 -9.44
N ARG A 531 41.10 20.90 -10.55
CA ARG A 531 39.97 20.63 -11.41
C ARG A 531 40.39 20.57 -12.88
N LEU A 532 39.85 19.60 -13.61
CA LEU A 532 40.10 19.50 -15.05
C LEU A 532 38.82 19.84 -15.81
N ILE A 533 38.78 21.05 -16.37
CA ILE A 533 37.61 21.49 -17.12
C ILE A 533 37.80 21.25 -18.61
N ILE A 534 36.96 20.40 -19.18
CA ILE A 534 37.02 20.10 -20.61
C ILE A 534 35.82 20.71 -21.33
N PHE A 535 36.06 21.24 -22.53
CA PHE A 535 34.99 21.81 -23.33
C PHE A 535 35.15 21.48 -24.80
N VAL A 536 34.33 20.57 -25.30
CA VAL A 536 34.34 20.21 -26.71
C VAL A 536 33.33 21.05 -27.48
N ILE A 537 33.72 21.49 -28.67
CA ILE A 537 32.84 22.31 -29.50
C ILE A 537 32.05 21.43 -30.46
N GLY A 538 30.75 21.71 -30.59
CA GLY A 538 29.91 20.94 -31.48
C GLY A 538 29.13 19.86 -30.76
N GLY A 539 29.33 19.75 -29.45
CA GLY A 539 28.59 18.81 -28.64
C GLY A 539 29.41 17.66 -28.08
N ILE A 540 28.88 17.01 -27.05
CA ILE A 540 29.54 15.87 -26.43
C ILE A 540 28.59 14.67 -26.42
N THR A 541 29.14 13.47 -26.55
CA THR A 541 28.33 12.27 -26.52
C THR A 541 28.14 11.78 -25.09
N TYR A 542 27.07 11.02 -24.86
CA TYR A 542 26.81 10.49 -23.53
C TYR A 542 27.89 9.48 -23.14
N SER A 543 28.54 8.92 -24.15
CA SER A 543 29.64 7.98 -23.92
C SER A 543 30.88 8.74 -23.47
N GLU A 544 30.99 9.99 -23.91
CA GLU A 544 32.12 10.83 -23.52
C GLU A 544 31.90 11.38 -22.11
N MET A 545 30.63 11.43 -21.71
CA MET A 545 30.28 11.90 -20.37
C MET A 545 30.76 10.90 -19.32
N ARG A 546 30.65 9.62 -19.63
CA ARG A 546 31.14 8.57 -18.74
C ARG A 546 32.61 8.83 -18.45
N CYS A 547 33.36 9.12 -19.51
CA CYS A 547 34.79 9.38 -19.38
C CYS A 547 35.09 10.32 -18.21
N ALA A 548 34.29 11.37 -18.07
CA ALA A 548 34.45 12.31 -16.98
C ALA A 548 34.30 11.58 -15.64
N TYR A 549 33.20 10.85 -15.50
CA TYR A 549 32.92 10.12 -14.28
C TYR A 549 33.95 9.03 -14.02
N GLU A 550 34.08 8.09 -14.94
CA GLU A 550 35.00 6.97 -14.79
C GLU A 550 36.42 7.42 -14.46
N VAL A 551 36.91 8.44 -15.16
CA VAL A 551 38.25 8.96 -14.90
C VAL A 551 38.35 9.62 -13.54
N SER A 552 37.38 10.48 -13.22
CA SER A 552 37.36 11.16 -11.94
C SER A 552 37.06 10.18 -10.81
N GLN A 553 36.36 9.11 -11.13
CA GLN A 553 36.02 8.08 -10.15
C GLN A 553 37.21 7.18 -9.88
N ALA A 554 37.97 6.87 -10.93
CA ALA A 554 39.19 6.09 -10.79
C ALA A 554 40.23 6.91 -10.05
N HIS A 555 40.27 8.21 -10.33
CA HIS A 555 41.13 9.13 -9.60
C HIS A 555 40.35 9.77 -8.46
N LYS A 556 40.98 10.71 -7.77
CA LYS A 556 40.32 11.44 -6.68
C LYS A 556 41.02 12.77 -6.46
N SER A 557 42.27 12.85 -6.91
CA SER A 557 43.09 14.04 -6.74
C SER A 557 42.59 15.21 -7.58
N CYS A 558 41.62 14.94 -8.44
CA CYS A 558 41.03 15.99 -9.27
C CYS A 558 39.72 15.53 -9.90
N GLU A 559 38.84 16.48 -10.19
CA GLU A 559 37.54 16.19 -10.80
C GLU A 559 37.47 16.72 -12.23
N VAL A 560 37.29 15.81 -13.18
CA VAL A 560 37.12 16.19 -14.58
C VAL A 560 35.70 16.73 -14.79
N ILE A 561 35.57 17.73 -15.63
CA ILE A 561 34.27 18.35 -15.88
C ILE A 561 34.13 18.74 -17.35
N ILE A 562 33.50 17.88 -18.13
CA ILE A 562 33.28 18.14 -19.55
C ILE A 562 32.00 18.92 -19.78
N GLY A 563 31.89 19.55 -20.94
CA GLY A 563 30.72 20.33 -21.29
C GLY A 563 30.71 20.73 -22.75
N SER A 564 29.67 21.46 -23.14
CA SER A 564 29.51 21.88 -24.52
C SER A 564 28.29 22.78 -24.67
N THR A 565 27.87 23.03 -25.89
CA THR A 565 26.66 23.80 -26.16
C THR A 565 25.44 22.89 -26.14
N HIS A 566 25.68 21.59 -26.28
CA HIS A 566 24.61 20.61 -26.30
C HIS A 566 25.12 19.19 -26.16
N ILE A 567 24.22 18.26 -25.84
CA ILE A 567 24.57 16.85 -25.75
C ILE A 567 24.15 16.12 -27.03
N LEU A 568 25.04 15.27 -27.53
CA LEU A 568 24.85 14.67 -28.85
C LEU A 568 24.17 13.31 -28.83
N THR A 569 23.33 13.09 -29.83
CA THR A 569 22.76 11.78 -30.11
C THR A 569 22.99 11.50 -31.59
N PRO A 570 23.41 10.28 -31.92
CA PRO A 570 23.79 9.90 -33.28
C PRO A 570 22.92 10.56 -34.35
N ARG A 571 21.61 10.39 -34.25
CA ARG A 571 20.68 10.95 -35.23
C ARG A 571 20.75 12.48 -35.26
N LYS A 572 20.46 13.10 -34.12
CA LYS A 572 20.47 14.56 -34.03
C LYS A 572 21.75 15.15 -34.61
N LEU A 573 22.88 14.47 -34.37
CA LEU A 573 24.15 14.90 -34.93
C LEU A 573 24.09 14.91 -36.46
N LEU A 574 23.76 13.77 -37.04
CA LEU A 574 23.65 13.64 -38.49
C LEU A 574 22.77 14.73 -39.09
N ASP A 575 21.59 14.93 -38.50
CA ASP A 575 20.69 15.98 -38.96
C ASP A 575 21.39 17.33 -38.94
N ASP A 576 22.05 17.63 -37.83
CA ASP A 576 22.78 18.89 -37.69
C ASP A 576 23.98 18.96 -38.64
N ILE A 577 24.61 17.80 -38.90
CA ILE A 577 25.82 17.77 -39.70
C ILE A 577 25.53 18.03 -41.17
N LYS A 578 24.36 17.60 -41.63
CA LYS A 578 23.86 18.07 -42.92
C LYS A 578 23.22 19.42 -42.66
N MET A 579 22.52 19.96 -43.64
CA MET A 579 21.89 21.28 -43.49
C MET A 579 22.95 22.37 -43.39
N LEU A 580 24.18 21.97 -43.09
CA LEU A 580 25.29 22.91 -42.96
C LEU A 580 25.52 23.67 -44.27
N ASN A 581 25.53 22.94 -45.38
CA ASN A 581 25.78 23.54 -46.69
C ASN A 581 24.59 24.33 -47.22
N LYS A 582 23.71 24.77 -46.32
CA LYS A 582 22.53 25.54 -46.70
C LYS A 582 22.22 26.63 -45.68
N SER A 583 22.46 27.89 -46.07
CA SER A 583 22.19 29.03 -45.20
C SER A 583 20.70 29.17 -44.93
N LYS A 584 20.29 28.93 -43.68
CA LYS A 584 18.90 29.02 -43.28
C LYS A 584 18.32 30.41 -43.55
N ASP A 585 17.09 30.48 -44.05
CA ASP A 585 16.25 29.32 -44.37
C ASP A 585 16.07 28.33 -43.21
N GLU B 7 -24.37 -20.28 0.46
CA GLU B 7 -24.03 -20.83 1.76
C GLU B 7 -25.27 -21.04 2.62
N ARG B 8 -25.17 -21.94 3.59
CA ARG B 8 -26.28 -22.20 4.51
C ARG B 8 -25.90 -21.87 5.96
N GLY B 9 -25.09 -20.83 6.14
CA GLY B 9 -24.76 -20.36 7.47
C GLY B 9 -26.04 -19.91 8.18
N LEU B 10 -26.08 -20.05 9.49
CA LEU B 10 -27.27 -19.68 10.25
C LEU B 10 -27.64 -18.22 10.03
N LYS B 11 -26.62 -17.38 9.81
CA LYS B 11 -26.85 -15.96 9.56
C LYS B 11 -27.15 -15.70 8.09
N SER B 12 -26.94 -16.71 7.26
CA SER B 12 -27.34 -16.62 5.86
C SER B 12 -28.83 -16.95 5.75
N VAL B 13 -29.24 -17.98 6.48
CA VAL B 13 -30.65 -18.35 6.55
C VAL B 13 -31.50 -17.19 7.05
N VAL B 14 -31.13 -16.65 8.20
CA VAL B 14 -31.84 -15.51 8.78
C VAL B 14 -31.91 -14.34 7.80
N TRP B 15 -30.78 -14.02 7.18
CA TRP B 15 -30.73 -12.93 6.21
C TRP B 15 -31.73 -13.15 5.09
N ARG B 16 -31.77 -14.37 4.57
CA ARG B 16 -32.69 -14.72 3.51
C ARG B 16 -34.14 -14.54 3.94
N LYS B 17 -34.39 -14.63 5.24
CA LYS B 17 -35.73 -14.45 5.78
C LYS B 17 -36.08 -12.98 5.92
N ILE B 18 -35.18 -12.21 6.52
CA ILE B 18 -35.39 -10.77 6.67
C ILE B 18 -35.66 -10.11 5.32
N LYS B 19 -34.82 -10.44 4.34
CA LYS B 19 -34.91 -9.82 3.02
C LYS B 19 -36.24 -10.08 2.32
N THR B 20 -36.73 -11.32 2.40
CA THR B 20 -37.97 -11.69 1.73
C THR B 20 -39.21 -11.33 2.56
N ALA B 21 -39.10 -11.50 3.87
CA ALA B 21 -40.23 -11.26 4.77
C ALA B 21 -40.43 -9.78 5.05
N VAL B 22 -39.33 -9.03 5.12
CA VAL B 22 -39.37 -7.63 5.52
C VAL B 22 -39.10 -6.66 4.37
N PHE B 23 -37.84 -6.59 3.93
CA PHE B 23 -37.43 -5.62 2.93
C PHE B 23 -38.19 -5.74 1.60
N ASP B 24 -38.28 -6.96 1.07
CA ASP B 24 -38.96 -7.17 -0.21
C ASP B 24 -40.47 -6.99 -0.08
N ASP B 25 -40.98 -7.19 1.13
CA ASP B 25 -42.42 -7.15 1.37
C ASP B 25 -42.97 -5.73 1.29
N CYS B 26 -42.10 -4.73 1.47
CA CYS B 26 -42.51 -3.34 1.39
C CYS B 26 -41.64 -2.56 0.42
N ARG B 27 -40.82 -3.28 -0.34
CA ARG B 27 -39.92 -2.68 -1.31
C ARG B 27 -40.70 -2.14 -2.50
N LYS B 28 -40.63 -0.83 -2.71
CA LYS B 28 -41.13 -0.22 -3.94
C LYS B 28 -39.95 0.18 -4.80
N GLU B 29 -39.78 -0.51 -5.92
CA GLU B 29 -38.56 -0.43 -6.74
C GLU B 29 -37.92 0.96 -6.82
N GLY B 30 -38.72 1.97 -7.16
CA GLY B 30 -38.19 3.29 -7.45
C GLY B 30 -37.81 4.15 -6.26
N GLU B 31 -38.24 3.78 -5.06
CA GLU B 31 -38.05 4.66 -3.91
C GLU B 31 -37.45 3.97 -2.68
N TRP B 32 -36.90 4.78 -1.78
CA TRP B 32 -36.19 4.29 -0.59
C TRP B 32 -36.94 4.66 0.69
N LYS B 33 -36.55 4.02 1.79
CA LYS B 33 -37.24 4.21 3.06
C LYS B 33 -36.28 4.37 4.25
N ILE B 34 -36.82 4.83 5.36
CA ILE B 34 -36.07 4.95 6.60
C ILE B 34 -36.43 3.80 7.53
N MET B 35 -35.42 3.02 7.93
CA MET B 35 -35.67 1.90 8.85
C MET B 35 -35.43 2.31 10.30
N LEU B 36 -36.26 1.78 11.20
CA LEU B 36 -36.13 2.09 12.62
C LEU B 36 -35.96 0.80 13.43
N LEU B 37 -35.00 0.82 14.36
CA LEU B 37 -34.63 -0.38 15.09
C LEU B 37 -34.57 -0.16 16.58
N ASP B 38 -35.03 -1.14 17.35
CA ASP B 38 -34.84 -1.15 18.79
C ASP B 38 -33.60 -1.97 19.11
N GLU B 39 -33.25 -2.07 20.39
CA GLU B 39 -32.03 -2.75 20.79
C GLU B 39 -31.85 -4.10 20.10
N PHE B 40 -32.86 -4.95 20.20
CA PHE B 40 -32.79 -6.29 19.61
C PHE B 40 -32.48 -6.27 18.11
N THR B 41 -33.40 -5.70 17.34
CA THR B 41 -33.28 -5.68 15.88
C THR B 41 -31.95 -5.11 15.41
N THR B 42 -31.35 -4.23 16.21
CA THR B 42 -30.04 -3.68 15.88
C THR B 42 -28.98 -4.77 15.94
N LYS B 43 -28.98 -5.53 17.04
CA LYS B 43 -28.09 -6.67 17.19
C LYS B 43 -28.36 -7.72 16.11
N LEU B 44 -29.64 -7.91 15.80
CA LEU B 44 -30.05 -8.91 14.81
C LEU B 44 -29.50 -8.58 13.42
N LEU B 45 -29.66 -7.32 13.01
CA LEU B 45 -29.22 -6.88 11.69
C LEU B 45 -27.69 -6.81 11.61
N SER B 46 -27.08 -6.26 12.64
CA SER B 46 -25.62 -6.18 12.70
C SER B 46 -25.02 -7.58 12.66
N SER B 47 -25.83 -8.56 13.05
CA SER B 47 -25.39 -9.95 13.09
C SER B 47 -25.23 -10.59 11.72
N CYS B 48 -26.20 -10.37 10.84
CA CYS B 48 -26.24 -11.10 9.58
C CYS B 48 -26.07 -10.24 8.32
N CYS B 49 -25.47 -9.06 8.49
CA CYS B 49 -25.20 -8.20 7.34
C CYS B 49 -24.46 -6.92 7.73
N LYS B 50 -23.87 -6.27 6.73
CA LYS B 50 -23.25 -4.97 6.93
C LYS B 50 -24.23 -3.90 6.49
N MET B 51 -24.27 -2.78 7.22
CA MET B 51 -25.24 -1.73 6.95
C MET B 51 -25.16 -1.18 5.52
N THR B 52 -24.12 -1.59 4.81
CA THR B 52 -23.99 -1.25 3.39
C THR B 52 -25.05 -1.97 2.58
N ASP B 53 -25.22 -3.26 2.87
CA ASP B 53 -26.16 -4.11 2.15
C ASP B 53 -27.58 -3.57 2.18
N LEU B 54 -27.88 -2.72 3.16
CA LEU B 54 -29.23 -2.21 3.36
C LEU B 54 -29.71 -1.31 2.21
N LEU B 55 -28.82 -0.49 1.68
CA LEU B 55 -29.16 0.42 0.60
C LEU B 55 -29.80 -0.34 -0.56
N GLU B 56 -29.19 -1.47 -0.93
CA GLU B 56 -29.67 -2.28 -2.04
C GLU B 56 -31.04 -2.88 -1.74
N GLU B 57 -31.45 -2.80 -0.47
CA GLU B 57 -32.73 -3.37 -0.04
C GLU B 57 -33.80 -2.31 0.18
N GLY B 58 -33.51 -1.07 -0.19
CA GLY B 58 -34.50 -0.01 -0.11
C GLY B 58 -34.41 0.82 1.15
N ILE B 59 -33.32 0.67 1.89
CA ILE B 59 -33.13 1.44 3.12
C ILE B 59 -32.01 2.46 2.94
N THR B 60 -32.38 3.74 2.96
CA THR B 60 -31.41 4.81 2.76
C THR B 60 -30.86 5.32 4.10
N VAL B 61 -31.67 5.21 5.14
CA VAL B 61 -31.27 5.69 6.47
C VAL B 61 -31.85 4.82 7.59
N ILE B 62 -30.97 4.34 8.47
CA ILE B 62 -31.41 3.62 9.65
C ILE B 62 -31.28 4.51 10.88
N GLU B 63 -32.27 4.46 11.77
CA GLU B 63 -32.26 5.30 12.96
C GLU B 63 -32.87 4.58 14.16
N ASN B 64 -32.37 4.92 15.35
CA ASN B 64 -32.84 4.33 16.59
C ASN B 64 -34.25 4.80 16.95
N ILE B 65 -35.15 3.87 17.17
CA ILE B 65 -36.54 4.19 17.48
C ILE B 65 -36.68 4.79 18.87
N TYR B 66 -35.69 4.54 19.72
CA TYR B 66 -35.74 5.03 21.10
C TYR B 66 -35.57 6.54 21.17
N LYS B 67 -34.41 7.02 20.72
CA LYS B 67 -34.11 8.44 20.75
C LYS B 67 -35.05 9.20 19.82
N ASN B 68 -35.40 10.43 20.18
CA ASN B 68 -36.28 11.25 19.37
C ASN B 68 -35.64 11.61 18.04
N ARG B 69 -36.46 11.70 17.00
CA ARG B 69 -35.96 11.95 15.65
C ARG B 69 -36.70 13.12 14.99
N GLU B 70 -36.13 13.63 13.91
CA GLU B 70 -36.76 14.73 13.18
C GLU B 70 -37.69 14.22 12.09
N PRO B 71 -38.94 14.68 12.11
CA PRO B 71 -39.97 14.24 11.16
C PRO B 71 -39.54 14.40 9.70
N VAL B 72 -39.66 13.31 8.94
CA VAL B 72 -39.44 13.35 7.50
C VAL B 72 -40.74 12.97 6.81
N ARG B 73 -41.63 13.95 6.69
CA ARG B 73 -43.01 13.70 6.29
C ARG B 73 -43.20 13.39 4.81
N GLN B 74 -42.10 13.13 4.11
CA GLN B 74 -42.19 12.74 2.70
C GLN B 74 -41.53 11.38 2.46
N MET B 75 -40.99 10.78 3.51
CA MET B 75 -40.44 9.44 3.44
C MET B 75 -41.25 8.44 4.25
N LYS B 76 -41.35 7.22 3.75
CA LYS B 76 -42.07 6.16 4.45
C LYS B 76 -41.15 5.47 5.47
N ALA B 77 -41.74 5.00 6.56
CA ALA B 77 -40.96 4.41 7.64
C ALA B 77 -41.11 2.91 7.72
N LEU B 78 -39.99 2.22 7.84
CA LEU B 78 -40.00 0.78 8.07
C LEU B 78 -39.64 0.51 9.53
N TYR B 79 -40.65 0.12 10.30
CA TYR B 79 -40.43 -0.22 11.70
C TYR B 79 -40.11 -1.68 11.85
N PHE B 80 -38.84 -1.98 12.11
CA PHE B 80 -38.41 -3.35 12.39
C PHE B 80 -38.07 -3.43 13.87
N ILE B 81 -39.04 -3.86 14.67
CA ILE B 81 -38.90 -3.86 16.11
C ILE B 81 -39.51 -5.09 16.76
N SER B 82 -39.17 -5.31 18.03
CA SER B 82 -39.75 -6.40 18.79
C SER B 82 -41.02 -5.90 19.48
N PRO B 83 -41.95 -6.82 19.78
CA PRO B 83 -43.21 -6.51 20.46
C PRO B 83 -42.98 -6.09 21.92
N THR B 84 -42.14 -5.09 22.11
CA THR B 84 -41.81 -4.60 23.44
C THR B 84 -42.57 -3.32 23.76
N PRO B 85 -43.07 -3.20 25.00
CA PRO B 85 -43.77 -2.00 25.45
C PRO B 85 -42.99 -0.73 25.09
N LYS B 86 -41.71 -0.71 25.41
CA LYS B 86 -40.86 0.44 25.08
C LYS B 86 -40.82 0.68 23.57
N SER B 87 -40.50 -0.37 22.82
CA SER B 87 -40.34 -0.27 21.37
C SER B 87 -41.64 0.16 20.68
N VAL B 88 -42.77 -0.20 21.28
CA VAL B 88 -44.07 0.14 20.70
C VAL B 88 -44.53 1.54 21.11
N ASP B 89 -44.34 1.89 22.38
CA ASP B 89 -44.66 3.21 22.86
C ASP B 89 -43.99 4.28 22.01
N CYS B 90 -42.77 4.00 21.57
CA CYS B 90 -42.04 4.91 20.71
C CYS B 90 -42.73 5.11 19.37
N PHE B 91 -43.23 4.02 18.80
CA PHE B 91 -43.96 4.11 17.55
C PHE B 91 -45.18 5.02 17.69
N LEU B 92 -45.90 4.83 18.78
CA LEU B 92 -47.12 5.60 19.04
C LEU B 92 -46.83 7.09 19.23
N ARG B 93 -45.57 7.42 19.45
CA ARG B 93 -45.17 8.81 19.59
C ARG B 93 -44.99 9.46 18.22
N ASP B 94 -44.94 8.64 17.19
CA ASP B 94 -44.75 9.14 15.83
C ASP B 94 -46.07 9.21 15.08
N PHE B 95 -47.01 8.35 15.46
CA PHE B 95 -48.30 8.27 14.80
C PHE B 95 -49.44 8.30 15.82
N GLY B 96 -50.46 9.10 15.54
CA GLY B 96 -51.61 9.22 16.42
C GLY B 96 -51.41 10.26 17.51
N SER B 97 -51.64 9.86 18.75
CA SER B 97 -51.52 10.76 19.88
C SER B 97 -50.06 11.05 20.22
N LYS B 98 -49.65 12.31 20.10
CA LYS B 98 -50.54 13.38 19.65
C LYS B 98 -49.79 14.38 18.78
N SER B 99 -50.52 15.35 18.23
CA SER B 99 -49.92 16.36 17.35
C SER B 99 -48.98 15.74 16.31
N GLU B 100 -49.26 14.49 15.97
CA GLU B 100 -48.47 13.75 14.99
C GLU B 100 -48.66 14.36 13.60
N LYS B 101 -48.04 13.80 12.56
CA LYS B 101 -47.24 12.58 12.62
C LYS B 101 -45.74 12.87 12.50
N LYS B 102 -45.02 11.94 11.89
CA LYS B 102 -43.58 12.09 11.69
C LYS B 102 -43.13 11.59 10.32
N TYR B 103 -43.85 10.62 9.78
CA TYR B 103 -43.51 10.06 8.47
C TYR B 103 -44.75 9.92 7.58
N LYS B 104 -44.52 9.69 6.30
CA LYS B 104 -45.60 9.57 5.33
C LYS B 104 -46.45 8.34 5.60
N ALA B 105 -45.79 7.20 5.81
CA ALA B 105 -46.49 5.94 6.07
C ALA B 105 -45.69 5.05 7.02
N ALA B 106 -46.37 4.09 7.63
CA ALA B 106 -45.72 3.19 8.57
C ALA B 106 -45.82 1.74 8.12
N TYR B 107 -44.70 1.03 8.19
CA TYR B 107 -44.66 -0.40 7.91
C TYR B 107 -44.06 -1.13 9.10
N ILE B 108 -44.90 -1.79 9.87
CA ILE B 108 -44.47 -2.44 11.11
C ILE B 108 -44.15 -3.91 10.92
N TYR B 109 -42.97 -4.31 11.39
CA TYR B 109 -42.55 -5.71 11.32
C TYR B 109 -42.05 -6.19 12.69
N PHE B 110 -42.90 -6.94 13.38
CA PHE B 110 -42.56 -7.45 14.70
C PHE B 110 -41.71 -8.71 14.63
N THR B 111 -40.63 -8.73 15.41
CA THR B 111 -39.74 -9.87 15.47
C THR B 111 -40.46 -11.12 15.94
N ASP B 112 -41.51 -10.94 16.73
CA ASP B 112 -42.25 -12.07 17.29
C ASP B 112 -43.73 -11.71 17.42
N PHE B 113 -44.52 -12.66 17.92
CA PHE B 113 -45.95 -12.42 18.09
C PHE B 113 -46.23 -11.23 18.99
N CYS B 114 -47.13 -10.36 18.55
CA CYS B 114 -47.45 -9.15 19.29
C CYS B 114 -48.60 -9.37 20.27
N PRO B 115 -48.36 -9.10 21.55
CA PRO B 115 -49.38 -9.22 22.60
C PRO B 115 -50.61 -8.37 22.27
N ASP B 116 -51.80 -8.92 22.52
CA ASP B 116 -53.04 -8.20 22.25
C ASP B 116 -53.08 -6.88 23.01
N SER B 117 -52.45 -6.86 24.18
CA SER B 117 -52.38 -5.64 25.00
C SER B 117 -51.71 -4.53 24.22
N LEU B 118 -50.48 -4.77 23.79
CA LEU B 118 -49.73 -3.79 23.01
C LEU B 118 -50.41 -3.48 21.68
N PHE B 119 -50.84 -4.54 20.98
CA PHE B 119 -51.47 -4.36 19.68
C PHE B 119 -52.62 -3.36 19.76
N ASN B 120 -53.49 -3.53 20.75
CA ASN B 120 -54.62 -2.64 20.93
C ASN B 120 -54.21 -1.18 21.04
N LYS B 121 -53.10 -0.93 21.73
CA LYS B 121 -52.61 0.43 21.93
C LYS B 121 -52.19 1.09 20.61
N ILE B 122 -52.03 0.28 19.57
CA ILE B 122 -51.65 0.80 18.26
C ILE B 122 -52.78 0.59 17.25
N LYS B 123 -53.72 -0.28 17.60
CA LYS B 123 -54.87 -0.55 16.74
C LYS B 123 -55.85 0.61 16.82
N ALA B 124 -55.71 1.42 17.85
CA ALA B 124 -56.58 2.58 18.05
C ALA B 124 -55.99 3.82 17.39
N SER B 125 -54.82 4.25 17.85
CA SER B 125 -54.12 5.39 17.25
C SER B 125 -53.52 4.98 15.91
N CYS B 126 -54.21 4.08 15.22
CA CYS B 126 -53.77 3.54 13.95
C CYS B 126 -53.36 4.62 12.94
N SER B 127 -54.34 5.44 12.54
CA SER B 127 -54.15 6.41 11.47
C SER B 127 -53.97 5.67 10.15
N LYS B 128 -54.45 6.28 9.06
CA LYS B 128 -54.35 5.67 7.74
C LYS B 128 -52.92 5.28 7.42
N SER B 129 -51.97 5.87 8.14
CA SER B 129 -50.54 5.65 7.91
C SER B 129 -50.15 4.18 7.89
N ILE B 130 -50.30 3.51 9.04
CA ILE B 130 -49.93 2.09 9.16
C ILE B 130 -50.45 1.28 7.98
N ARG B 131 -49.59 1.09 6.98
CA ARG B 131 -49.95 0.39 5.76
C ARG B 131 -49.76 -1.11 5.89
N ARG B 132 -49.08 -1.54 6.95
CA ARG B 132 -48.77 -2.95 7.13
C ARG B 132 -48.21 -3.29 8.51
N CYS B 133 -48.73 -4.35 9.10
CA CYS B 133 -48.23 -4.86 10.37
C CYS B 133 -48.09 -6.37 10.31
N LYS B 134 -46.85 -6.85 10.18
CA LYS B 134 -46.59 -8.28 10.13
C LYS B 134 -45.78 -8.75 11.34
N GLU B 135 -45.83 -10.05 11.58
CA GLU B 135 -44.96 -10.69 12.54
C GLU B 135 -44.14 -11.71 11.77
N ILE B 136 -42.82 -11.63 11.85
CA ILE B 136 -41.96 -12.49 11.04
C ILE B 136 -41.36 -13.65 11.83
N ASN B 137 -41.50 -13.62 13.15
CA ASN B 137 -41.03 -14.70 14.00
C ASN B 137 -39.53 -14.99 13.86
N ILE B 138 -38.72 -14.00 14.21
CA ILE B 138 -37.28 -14.17 14.37
C ILE B 138 -36.86 -13.55 15.68
N SER B 139 -36.71 -14.39 16.71
CA SER B 139 -36.40 -13.90 18.04
C SER B 139 -35.11 -14.50 18.58
N PHE B 140 -34.06 -14.50 17.75
CA PHE B 140 -32.76 -15.04 18.17
C PHE B 140 -31.63 -14.38 17.39
N ILE B 141 -30.40 -14.60 17.85
CA ILE B 141 -29.22 -14.04 17.21
C ILE B 141 -28.36 -15.14 16.59
N PRO B 142 -28.10 -15.04 15.28
CA PRO B 142 -27.22 -15.97 14.57
C PRO B 142 -25.75 -15.70 14.89
N GLN B 143 -25.37 -15.89 16.14
CA GLN B 143 -24.00 -15.62 16.59
C GLN B 143 -22.96 -16.17 15.61
N GLU B 144 -23.07 -17.46 15.30
CA GLU B 144 -22.20 -18.08 14.33
C GLU B 144 -23.04 -18.86 13.33
N SER B 145 -22.42 -19.34 12.27
CA SER B 145 -23.13 -20.04 11.21
C SER B 145 -23.79 -21.32 11.71
N GLN B 146 -23.56 -21.65 12.97
CA GLN B 146 -24.09 -22.89 13.53
C GLN B 146 -24.46 -22.73 15.01
N VAL B 147 -24.30 -21.52 15.53
CA VAL B 147 -24.64 -21.22 16.92
C VAL B 147 -25.61 -20.05 17.02
N TYR B 148 -26.63 -20.21 17.86
CA TYR B 148 -27.63 -19.18 18.06
C TYR B 148 -27.77 -18.83 19.54
N THR B 149 -28.14 -17.58 19.82
CA THR B 149 -28.44 -17.18 21.20
C THR B 149 -29.76 -16.41 21.25
N LEU B 150 -30.47 -16.56 22.37
CA LEU B 150 -31.75 -15.90 22.54
C LEU B 150 -31.59 -14.54 23.19
N ASP B 151 -32.71 -13.92 23.54
CA ASP B 151 -32.72 -12.63 24.22
C ASP B 151 -33.62 -12.72 25.44
N VAL B 152 -33.24 -13.55 26.40
CA VAL B 152 -34.01 -13.72 27.62
C VAL B 152 -33.23 -13.23 28.83
N PRO B 153 -33.26 -11.91 29.08
CA PRO B 153 -32.49 -11.25 30.13
C PRO B 153 -32.58 -11.97 31.48
N ASP B 154 -31.43 -12.16 32.12
CA ASP B 154 -31.37 -12.76 33.45
C ASP B 154 -32.01 -14.14 33.49
N ALA B 155 -31.92 -14.88 32.38
CA ALA B 155 -32.49 -16.21 32.30
C ALA B 155 -31.84 -17.15 33.31
N PHE B 156 -30.51 -17.25 33.24
CA PHE B 156 -29.75 -18.12 34.13
C PHE B 156 -30.24 -18.00 35.57
N TYR B 157 -30.14 -16.80 36.13
CA TYR B 157 -30.51 -16.58 37.52
C TYR B 157 -31.90 -17.10 37.87
N TYR B 158 -32.89 -16.71 37.08
CA TYR B 158 -34.28 -17.08 37.35
C TYR B 158 -34.58 -18.55 37.04
N CYS B 159 -33.53 -19.31 36.74
CA CYS B 159 -33.68 -20.73 36.46
C CYS B 159 -33.08 -21.59 37.56
N TYR B 160 -32.13 -21.03 38.29
CA TYR B 160 -31.44 -21.77 39.35
C TYR B 160 -31.42 -21.01 40.67
N SER B 161 -32.22 -19.96 40.77
CA SER B 161 -32.39 -19.26 42.03
C SER B 161 -32.98 -20.23 43.03
N PRO B 162 -33.15 -19.81 44.30
CA PRO B 162 -33.82 -20.71 45.24
C PRO B 162 -35.28 -20.91 44.85
N ASP B 163 -36.16 -20.98 45.84
CA ASP B 163 -37.58 -21.02 45.57
C ASP B 163 -38.31 -19.93 46.36
N PRO B 164 -37.81 -18.68 46.27
CA PRO B 164 -38.39 -17.59 47.06
C PRO B 164 -39.55 -16.93 46.33
N SER B 165 -39.63 -15.61 46.46
CA SER B 165 -40.71 -14.84 45.84
C SER B 165 -40.59 -14.85 44.33
N ASN B 166 -39.36 -14.67 43.83
CA ASN B 166 -39.13 -14.58 42.39
C ASN B 166 -39.13 -15.94 41.69
N ALA B 167 -40.22 -16.68 41.86
CA ALA B 167 -40.43 -17.93 41.13
C ALA B 167 -41.54 -17.71 40.12
N SER B 168 -42.23 -16.58 40.26
CA SER B 168 -43.27 -16.18 39.32
C SER B 168 -42.63 -15.71 38.03
N ARG B 169 -41.40 -15.19 38.15
CA ARG B 169 -40.65 -14.71 37.00
C ARG B 169 -39.95 -15.86 36.28
N LYS B 170 -39.74 -16.96 36.99
CA LYS B 170 -39.12 -18.14 36.39
C LYS B 170 -39.97 -18.63 35.23
N GLU B 171 -41.27 -18.71 35.44
CA GLU B 171 -42.20 -19.09 34.39
C GLU B 171 -42.12 -18.10 33.24
N VAL B 172 -42.14 -16.81 33.56
CA VAL B 172 -42.00 -15.75 32.57
C VAL B 172 -40.78 -15.99 31.70
N VAL B 173 -39.68 -16.39 32.33
CA VAL B 173 -38.45 -16.68 31.62
C VAL B 173 -38.55 -18.00 30.86
N MET B 174 -39.29 -18.94 31.43
CA MET B 174 -39.46 -20.26 30.81
C MET B 174 -40.26 -20.18 29.52
N GLU B 175 -41.31 -19.37 29.51
CA GLU B 175 -42.13 -19.20 28.31
C GLU B 175 -41.37 -18.37 27.28
N ALA B 176 -40.68 -17.33 27.75
CA ALA B 176 -39.86 -16.51 26.88
C ALA B 176 -38.90 -17.37 26.09
N MET B 177 -38.22 -18.28 26.78
CA MET B 177 -37.31 -19.21 26.14
C MET B 177 -38.04 -20.10 25.13
N ALA B 178 -39.16 -20.67 25.56
CA ALA B 178 -39.95 -21.55 24.71
C ALA B 178 -40.33 -20.89 23.39
N GLU B 179 -41.10 -19.82 23.46
CA GLU B 179 -41.55 -19.12 22.26
C GLU B 179 -40.37 -18.63 21.41
N GLN B 180 -39.31 -18.19 22.08
CA GLN B 180 -38.13 -17.68 21.41
C GLN B 180 -37.43 -18.80 20.66
N ILE B 181 -37.38 -19.98 21.29
CA ILE B 181 -36.81 -21.17 20.65
C ILE B 181 -37.62 -21.58 19.43
N VAL B 182 -38.94 -21.47 19.55
CA VAL B 182 -39.85 -21.83 18.45
C VAL B 182 -39.53 -21.05 17.18
N THR B 183 -39.20 -19.77 17.31
CA THR B 183 -38.88 -18.94 16.16
C THR B 183 -37.61 -19.44 15.48
N VAL B 184 -36.75 -20.11 16.24
CA VAL B 184 -35.55 -20.71 15.68
C VAL B 184 -35.91 -21.84 14.74
N CYS B 185 -36.85 -22.68 15.17
CA CYS B 185 -37.34 -23.78 14.36
C CYS B 185 -38.07 -23.25 13.13
N ALA B 186 -38.96 -22.28 13.36
CA ALA B 186 -39.78 -21.72 12.29
C ALA B 186 -38.94 -21.08 11.18
N THR B 187 -37.86 -20.39 11.58
CA THR B 187 -36.98 -19.75 10.61
C THR B 187 -36.22 -20.80 9.81
N LEU B 188 -35.95 -21.93 10.45
CA LEU B 188 -35.28 -23.05 9.78
C LEU B 188 -36.30 -23.93 9.07
N ASP B 189 -37.56 -23.49 9.09
CA ASP B 189 -38.65 -24.24 8.47
C ASP B 189 -38.66 -25.69 8.92
N GLU B 190 -38.41 -25.90 10.21
CA GLU B 190 -38.43 -27.24 10.79
C GLU B 190 -39.49 -27.31 11.88
N ASN B 191 -40.18 -28.45 11.95
CA ASN B 191 -41.11 -28.71 13.03
C ASN B 191 -40.70 -29.98 13.76
N PRO B 192 -39.54 -29.92 14.45
CA PRO B 192 -38.88 -31.11 15.01
C PRO B 192 -39.68 -31.79 16.11
N GLY B 193 -39.27 -33.01 16.44
CA GLY B 193 -39.83 -33.70 17.60
C GLY B 193 -39.07 -33.27 18.83
N VAL B 194 -39.76 -33.21 19.97
CA VAL B 194 -39.15 -32.69 21.19
C VAL B 194 -38.72 -33.78 22.16
N ARG B 195 -37.50 -33.66 22.66
CA ARG B 195 -36.97 -34.56 23.68
C ARG B 195 -36.14 -33.76 24.67
N TYR B 196 -36.24 -34.12 25.95
CA TYR B 196 -35.37 -33.53 26.96
C TYR B 196 -34.34 -34.54 27.42
N LYS B 197 -33.60 -34.21 28.48
CA LYS B 197 -32.53 -35.07 28.95
C LYS B 197 -32.94 -35.84 30.21
N SER B 198 -34.01 -35.39 30.86
CA SER B 198 -34.46 -36.02 32.10
C SER B 198 -33.27 -36.24 33.04
N LYS B 199 -32.57 -35.15 33.34
CA LYS B 199 -31.37 -35.20 34.17
C LYS B 199 -31.42 -34.11 35.25
N PRO B 200 -30.27 -33.49 35.62
CA PRO B 200 -30.33 -32.62 36.80
C PRO B 200 -31.53 -31.68 36.87
N LEU B 201 -32.19 -31.67 38.02
CA LEU B 201 -33.29 -30.74 38.32
C LEU B 201 -34.52 -30.92 37.45
N ASP B 202 -34.36 -31.62 36.33
CA ASP B 202 -35.46 -31.86 35.40
C ASP B 202 -36.18 -30.56 35.05
N ASN B 203 -35.47 -29.62 34.43
CA ASN B 203 -36.07 -28.40 33.92
C ASN B 203 -36.29 -28.49 32.42
N ALA B 204 -35.46 -29.28 31.76
CA ALA B 204 -35.58 -29.50 30.33
C ALA B 204 -36.91 -30.16 30.00
N SER B 205 -37.47 -30.87 30.97
CA SER B 205 -38.77 -31.52 30.79
C SER B 205 -39.88 -30.47 30.74
N LYS B 206 -39.86 -29.56 31.70
CA LYS B 206 -40.84 -28.48 31.74
C LYS B 206 -40.77 -27.62 30.48
N LEU B 207 -39.55 -27.35 30.03
CA LEU B 207 -39.35 -26.53 28.83
C LEU B 207 -39.70 -27.31 27.57
N ALA B 208 -39.29 -28.57 27.51
CA ALA B 208 -39.59 -29.42 26.35
C ALA B 208 -41.09 -29.46 26.09
N GLN B 209 -41.88 -29.40 27.16
CA GLN B 209 -43.33 -29.43 27.04
C GLN B 209 -43.88 -28.11 26.50
N LEU B 210 -43.30 -27.01 26.97
CA LEU B 210 -43.71 -25.68 26.52
C LEU B 210 -43.45 -25.51 25.02
N VAL B 211 -42.24 -25.85 24.60
CA VAL B 211 -41.88 -25.78 23.19
C VAL B 211 -42.80 -26.67 22.34
N GLU B 212 -43.01 -27.90 22.80
CA GLU B 212 -43.86 -28.85 22.08
C GLU B 212 -45.28 -28.33 21.92
N LYS B 213 -45.80 -27.70 22.97
CA LYS B 213 -47.15 -27.15 22.93
C LYS B 213 -47.23 -25.91 22.05
N LYS B 214 -46.23 -25.04 22.19
CA LYS B 214 -46.24 -23.77 21.49
C LYS B 214 -46.00 -23.89 19.98
N LEU B 215 -45.17 -24.85 19.58
CA LEU B 215 -44.90 -25.03 18.16
C LEU B 215 -46.03 -25.81 17.46
N GLU B 216 -46.87 -26.48 18.26
CA GLU B 216 -48.06 -27.10 17.70
C GLU B 216 -49.08 -26.02 17.41
N ASP B 217 -49.17 -25.04 18.30
CA ASP B 217 -50.07 -23.91 18.13
C ASP B 217 -49.53 -22.96 17.08
N TYR B 218 -48.21 -22.90 16.95
CA TYR B 218 -47.58 -22.05 15.97
C TYR B 218 -47.98 -22.47 14.55
N TYR B 219 -47.60 -23.69 14.18
CA TYR B 219 -47.86 -24.20 12.84
C TYR B 219 -49.34 -24.44 12.56
N LYS B 220 -50.19 -24.07 13.53
CA LYS B 220 -51.63 -24.06 13.31
C LYS B 220 -52.02 -22.70 12.74
N ILE B 221 -51.01 -21.88 12.47
CA ILE B 221 -51.23 -20.48 12.12
C ILE B 221 -50.24 -19.95 11.09
N ASP B 222 -49.00 -20.44 11.17
CA ASP B 222 -47.89 -20.03 10.32
C ASP B 222 -48.22 -18.95 9.29
N GLU B 223 -49.04 -19.31 8.31
CA GLU B 223 -49.40 -18.44 7.19
C GLU B 223 -48.41 -18.54 6.04
N LYS B 224 -47.15 -18.84 6.36
CA LYS B 224 -46.15 -19.11 5.33
C LYS B 224 -46.54 -20.39 4.58
N GLY B 225 -47.22 -21.29 5.28
CA GLY B 225 -47.76 -22.49 4.67
C GLY B 225 -46.72 -23.50 4.21
N LEU B 226 -45.45 -23.22 4.49
CA LEU B 226 -44.36 -24.08 4.03
C LEU B 226 -44.27 -25.36 4.87
N ILE B 227 -44.57 -25.24 6.16
CA ILE B 227 -44.41 -26.36 7.08
C ILE B 227 -45.67 -26.63 7.91
N LYS B 228 -45.96 -27.92 8.12
CA LYS B 228 -47.04 -28.35 8.98
C LYS B 228 -46.85 -29.83 9.28
N GLY B 229 -46.95 -30.19 10.55
CA GLY B 229 -46.68 -31.56 10.97
C GLY B 229 -45.18 -31.77 11.08
N LYS B 230 -44.78 -32.64 12.00
CA LYS B 230 -43.37 -32.84 12.31
C LYS B 230 -42.52 -33.11 11.07
N THR B 231 -41.34 -32.49 11.03
CA THR B 231 -40.40 -32.67 9.92
C THR B 231 -39.28 -33.60 10.35
N GLN B 232 -38.37 -33.90 9.44
CA GLN B 232 -37.27 -34.82 9.72
C GLN B 232 -36.13 -34.14 10.49
N SER B 233 -36.42 -33.73 11.73
CA SER B 233 -35.43 -33.11 12.60
C SER B 233 -35.84 -33.28 14.05
N GLN B 234 -34.88 -33.16 14.96
CA GLN B 234 -35.14 -33.35 16.38
C GLN B 234 -34.52 -32.26 17.25
N LEU B 235 -35.28 -31.79 18.23
CA LEU B 235 -34.80 -30.77 19.15
C LEU B 235 -34.48 -31.37 20.52
N LEU B 236 -33.26 -31.15 20.99
CA LEU B 236 -32.86 -31.64 22.30
C LEU B 236 -32.84 -30.51 23.32
N ILE B 237 -33.55 -30.71 24.42
CA ILE B 237 -33.53 -29.76 25.52
C ILE B 237 -32.76 -30.35 26.69
N ILE B 238 -31.67 -29.68 27.08
CA ILE B 238 -30.79 -30.21 28.11
C ILE B 238 -30.38 -29.14 29.11
N ASP B 239 -30.61 -29.42 30.39
CA ASP B 239 -30.28 -28.48 31.46
C ASP B 239 -28.76 -28.41 31.65
N ARG B 240 -28.30 -27.32 32.26
CA ARG B 240 -26.88 -27.04 32.36
C ARG B 240 -26.14 -28.06 33.23
N GLY B 241 -26.86 -28.73 34.12
CA GLY B 241 -26.26 -29.69 35.03
C GLY B 241 -25.66 -30.90 34.34
N PHE B 242 -26.10 -31.17 33.11
CA PHE B 242 -25.70 -32.38 32.39
C PHE B 242 -24.19 -32.50 32.20
N ASP B 243 -23.50 -31.37 32.30
CA ASP B 243 -22.04 -31.36 32.15
C ASP B 243 -21.43 -30.09 32.73
N PRO B 244 -21.11 -30.12 34.03
CA PRO B 244 -20.48 -28.99 34.72
C PRO B 244 -19.01 -28.87 34.35
N VAL B 245 -18.41 -29.99 33.96
CA VAL B 245 -16.98 -30.06 33.68
C VAL B 245 -16.53 -29.09 32.59
N SER B 246 -17.19 -29.16 31.44
CA SER B 246 -16.77 -28.43 30.25
C SER B 246 -16.91 -26.91 30.40
N THR B 247 -17.57 -26.47 31.46
CA THR B 247 -17.80 -25.04 31.67
C THR B 247 -16.65 -24.39 32.45
N VAL B 248 -15.80 -25.23 33.04
CA VAL B 248 -14.75 -24.75 33.93
C VAL B 248 -13.36 -24.92 33.33
N LEU B 249 -13.19 -25.97 32.52
CA LEU B 249 -11.89 -26.30 31.94
C LEU B 249 -11.29 -25.16 31.12
N HIS B 250 -10.01 -24.87 31.39
CA HIS B 250 -9.26 -23.93 30.57
C HIS B 250 -9.02 -24.54 29.20
N GLU B 251 -9.96 -24.31 28.28
CA GLU B 251 -9.87 -24.91 26.94
C GLU B 251 -8.68 -24.35 26.17
N LEU B 252 -8.12 -25.18 25.28
CA LEU B 252 -6.91 -24.79 24.55
C LEU B 252 -7.18 -24.38 23.11
N THR B 253 -8.34 -24.77 22.58
CA THR B 253 -8.73 -24.34 21.24
C THR B 253 -8.87 -22.82 21.23
N PHE B 254 -8.44 -22.20 20.14
CA PHE B 254 -8.34 -20.75 20.07
C PHE B 254 -9.52 -19.99 20.67
N GLN B 255 -10.67 -20.06 20.00
CA GLN B 255 -11.83 -19.26 20.40
C GLN B 255 -12.14 -19.34 21.89
N ALA B 256 -12.31 -20.56 22.39
CA ALA B 256 -12.62 -20.76 23.80
C ALA B 256 -11.52 -20.20 24.69
N MET B 257 -10.28 -20.29 24.21
CA MET B 257 -9.12 -19.86 24.99
C MET B 257 -9.02 -18.34 25.09
N ALA B 258 -9.35 -17.66 24.00
CA ALA B 258 -9.27 -16.20 23.97
C ALA B 258 -10.35 -15.55 24.83
N TYR B 259 -11.60 -15.93 24.59
CA TYR B 259 -12.73 -15.38 25.34
C TYR B 259 -12.64 -15.71 26.83
N ASP B 260 -11.85 -16.72 27.17
CA ASP B 260 -11.66 -17.11 28.56
C ASP B 260 -10.61 -16.27 29.25
N LEU B 261 -9.39 -16.29 28.70
CA LEU B 261 -8.27 -15.58 29.30
C LEU B 261 -8.34 -14.08 29.01
N LEU B 262 -8.30 -13.72 27.73
CA LEU B 262 -8.29 -12.32 27.31
C LEU B 262 -9.63 -11.62 27.59
N PRO B 263 -9.57 -10.31 27.85
CA PRO B 263 -10.76 -9.49 28.13
C PRO B 263 -11.51 -9.14 26.85
N ILE B 264 -12.29 -10.08 26.33
CA ILE B 264 -13.03 -9.85 25.10
C ILE B 264 -14.52 -9.71 25.36
N GLU B 265 -14.98 -8.46 25.42
CA GLU B 265 -16.40 -8.18 25.55
C GLU B 265 -16.96 -7.72 24.21
N ASN B 266 -18.21 -8.04 23.94
CA ASN B 266 -18.84 -7.67 22.68
C ASN B 266 -18.07 -8.18 21.46
N ASP B 267 -17.44 -9.34 21.61
CA ASP B 267 -16.73 -9.99 20.52
C ASP B 267 -15.66 -9.08 19.89
N THR B 268 -15.41 -7.95 20.55
CA THR B 268 -14.41 -7.00 20.06
C THR B 268 -13.13 -7.10 20.89
N TYR B 269 -12.09 -7.68 20.29
CA TYR B 269 -10.81 -7.81 20.96
C TYR B 269 -10.10 -6.46 21.06
N LYS B 270 -9.84 -6.02 22.28
CA LYS B 270 -9.14 -4.77 22.50
C LYS B 270 -7.63 -4.96 22.37
N TYR B 271 -7.01 -4.19 21.48
CA TYR B 271 -5.56 -4.25 21.30
C TYR B 271 -5.01 -2.88 20.93
N LYS B 272 -3.69 -2.77 20.89
CA LYS B 272 -3.05 -1.50 20.57
C LYS B 272 -1.85 -1.69 19.66
N THR B 273 -1.19 -2.83 19.79
CA THR B 273 0.00 -3.17 18.99
C THR B 273 0.51 -2.01 18.16
N LYS B 278 -6.66 0.90 19.36
CA LYS B 278 -7.38 0.20 18.30
C LYS B 278 -8.27 -0.90 18.88
N GLU B 279 -8.93 -1.64 18.00
CA GLU B 279 -9.77 -2.75 18.42
C GLU B 279 -10.35 -3.48 17.20
N ALA B 280 -10.37 -4.81 17.28
CA ALA B 280 -10.83 -5.63 16.17
C ALA B 280 -12.08 -6.42 16.55
N VAL B 281 -12.83 -6.85 15.54
CA VAL B 281 -14.07 -7.59 15.76
C VAL B 281 -13.95 -9.04 15.30
N LEU B 282 -14.26 -9.97 16.19
CA LEU B 282 -14.17 -11.39 15.87
C LEU B 282 -15.50 -11.91 15.34
N GLU B 283 -15.68 -11.85 14.03
CA GLU B 283 -16.91 -12.31 13.39
C GLU B 283 -16.61 -13.20 12.20
N GLU B 284 -17.65 -13.83 11.64
CA GLU B 284 -17.46 -14.76 10.53
C GLU B 284 -17.19 -14.06 9.21
N ASP B 285 -17.33 -12.73 9.20
CA ASP B 285 -16.98 -11.94 8.03
C ASP B 285 -15.47 -11.82 7.91
N ASP B 286 -14.78 -12.39 8.89
CA ASP B 286 -13.32 -12.35 8.94
C ASP B 286 -12.71 -13.43 8.05
N ASP B 287 -13.37 -14.59 8.01
CA ASP B 287 -12.93 -15.75 7.24
C ASP B 287 -11.56 -16.28 7.66
N LEU B 288 -10.75 -15.43 8.30
CA LEU B 288 -9.49 -15.86 8.87
C LEU B 288 -9.74 -16.39 10.26
N TRP B 289 -10.52 -15.64 11.04
CA TRP B 289 -10.92 -16.04 12.37
C TRP B 289 -11.93 -17.18 12.30
N VAL B 290 -12.24 -17.61 11.08
CA VAL B 290 -13.17 -18.71 10.86
C VAL B 290 -12.41 -20.02 10.64
N ARG B 291 -11.24 -19.92 10.03
CA ARG B 291 -10.42 -21.09 9.76
C ARG B 291 -9.44 -21.34 10.90
N VAL B 292 -9.51 -20.52 11.93
CA VAL B 292 -8.54 -20.57 13.02
C VAL B 292 -9.19 -20.68 14.41
N ARG B 293 -10.34 -20.04 14.58
CA ARG B 293 -11.00 -19.97 15.89
C ARG B 293 -11.14 -21.34 16.55
N HIS B 294 -11.36 -22.38 15.76
CA HIS B 294 -11.58 -23.72 16.30
C HIS B 294 -10.33 -24.58 16.32
N ARG B 295 -9.24 -24.07 15.76
CA ARG B 295 -7.98 -24.82 15.73
C ARG B 295 -7.17 -24.56 17.00
N HIS B 296 -6.58 -25.63 17.54
CA HIS B 296 -5.81 -25.56 18.78
C HIS B 296 -4.73 -24.48 18.70
N ILE B 297 -4.44 -23.86 19.84
CA ILE B 297 -3.48 -22.77 19.91
C ILE B 297 -2.09 -23.15 19.39
N ALA B 298 -1.80 -24.45 19.39
CA ALA B 298 -0.50 -24.93 18.95
C ALA B 298 -0.31 -24.77 17.44
N VAL B 299 -1.16 -25.44 16.67
CA VAL B 299 -1.07 -25.39 15.22
C VAL B 299 -1.32 -23.99 14.67
N VAL B 300 -2.00 -23.16 15.46
CA VAL B 300 -2.34 -21.80 15.05
C VAL B 300 -1.13 -21.03 14.54
N LEU B 301 -0.09 -20.93 15.37
CA LEU B 301 1.11 -20.20 15.01
C LEU B 301 1.70 -20.68 13.68
N GLU B 302 1.39 -21.93 13.33
CA GLU B 302 1.91 -22.53 12.11
C GLU B 302 1.02 -22.23 10.90
N GLU B 303 -0.25 -22.57 11.00
CA GLU B 303 -1.19 -22.39 9.90
C GLU B 303 -1.60 -20.92 9.75
N ILE B 304 -0.62 -20.05 9.62
CA ILE B 304 -0.87 -18.62 9.45
C ILE B 304 0.34 -17.91 8.84
N ALA B 326 5.17 -9.45 -15.81
CA ALA B 326 6.13 -10.29 -15.08
C ALA B 326 6.36 -9.74 -13.67
N LEU B 327 7.45 -9.00 -13.50
CA LEU B 327 7.78 -8.41 -12.21
C LEU B 327 6.87 -7.22 -11.90
N THR B 328 6.15 -6.75 -12.91
CA THR B 328 5.27 -5.61 -12.77
C THR B 328 3.96 -5.98 -12.07
N GLN B 329 3.59 -7.26 -12.17
CA GLN B 329 2.36 -7.75 -11.56
C GLN B 329 2.53 -7.86 -10.04
N LEU B 330 3.75 -7.68 -9.56
CA LEU B 330 4.04 -7.77 -8.13
C LEU B 330 3.44 -6.60 -7.37
N MET B 331 3.21 -5.49 -8.07
CA MET B 331 2.62 -4.31 -7.46
C MET B 331 1.11 -4.44 -7.37
N LYS B 332 0.55 -5.37 -8.15
CA LYS B 332 -0.88 -5.63 -8.14
C LYS B 332 -1.30 -6.29 -6.84
N LYS B 333 -0.46 -7.21 -6.36
CA LYS B 333 -0.72 -7.92 -5.12
C LYS B 333 0.02 -7.24 -3.96
N MET B 334 0.00 -5.91 -3.95
CA MET B 334 0.62 -5.14 -2.89
C MET B 334 -0.42 -4.61 -1.92
N PRO B 335 -1.47 -3.98 -2.48
CA PRO B 335 -2.58 -3.49 -1.68
C PRO B 335 -3.58 -4.61 -1.42
N HIS B 336 -3.43 -5.70 -2.17
CA HIS B 336 -4.27 -6.88 -1.99
C HIS B 336 -3.60 -7.86 -1.03
N PHE B 337 -2.34 -7.55 -0.68
CA PHE B 337 -1.61 -8.36 0.29
C PHE B 337 -1.38 -7.56 1.55
N ARG B 338 -1.46 -6.24 1.44
CA ARG B 338 -1.33 -5.35 2.59
C ARG B 338 -2.57 -5.44 3.47
N LYS B 339 -3.68 -5.84 2.87
CA LYS B 339 -4.93 -6.02 3.60
C LYS B 339 -5.03 -7.44 4.12
N GLN B 340 -4.50 -8.39 3.36
CA GLN B 340 -4.49 -9.79 3.76
C GLN B 340 -3.48 -10.01 4.88
N ILE B 341 -2.59 -9.04 5.07
CA ILE B 341 -1.59 -9.11 6.11
C ILE B 341 -2.01 -8.29 7.33
N SER B 342 -2.55 -7.10 7.08
CA SER B 342 -3.03 -6.24 8.16
C SER B 342 -4.05 -6.98 9.02
N LYS B 343 -4.71 -7.97 8.42
CA LYS B 343 -5.66 -8.80 9.13
C LYS B 343 -4.96 -9.97 9.82
N GLN B 344 -4.04 -10.60 9.10
CA GLN B 344 -3.26 -11.71 9.65
C GLN B 344 -2.52 -11.29 10.92
N VAL B 345 -2.22 -10.00 11.02
CA VAL B 345 -1.51 -9.47 12.18
C VAL B 345 -2.39 -9.49 13.42
N VAL B 346 -3.63 -9.05 13.27
CA VAL B 346 -4.57 -9.00 14.38
C VAL B 346 -4.66 -10.31 15.14
N HIS B 347 -4.70 -11.42 14.41
CA HIS B 347 -4.81 -12.74 15.04
C HIS B 347 -3.48 -13.21 15.61
N LEU B 348 -2.38 -12.84 14.96
CA LEU B 348 -1.06 -13.14 15.48
C LEU B 348 -0.86 -12.39 16.79
N ASN B 349 -1.47 -11.21 16.87
CA ASN B 349 -1.43 -10.41 18.08
C ASN B 349 -2.30 -11.03 19.17
N LEU B 350 -3.49 -11.46 18.79
CA LEU B 350 -4.42 -12.11 19.70
C LEU B 350 -3.77 -13.35 20.31
N ALA B 351 -3.24 -14.21 19.46
CA ALA B 351 -2.58 -15.43 19.90
C ALA B 351 -1.31 -15.12 20.68
N GLU B 352 -0.69 -13.99 20.37
CA GLU B 352 0.53 -13.57 21.06
C GLU B 352 0.20 -13.16 22.49
N ASP B 353 -0.86 -12.39 22.66
CA ASP B 353 -1.33 -12.01 23.99
C ASP B 353 -1.97 -13.21 24.68
N CYS B 354 -2.17 -14.28 23.91
CA CYS B 354 -2.82 -15.48 24.42
C CYS B 354 -1.79 -16.49 24.95
N MET B 355 -0.68 -16.61 24.24
CA MET B 355 0.35 -17.58 24.62
C MET B 355 1.14 -17.16 25.85
N ASN B 356 1.22 -15.85 26.09
CA ASN B 356 1.92 -15.34 27.26
C ASN B 356 1.30 -15.85 28.55
N LYS B 357 0.00 -15.61 28.71
CA LYS B 357 -0.72 -16.10 29.87
C LYS B 357 -0.63 -17.61 29.96
N PHE B 358 -0.44 -18.24 28.80
CA PHE B 358 -0.29 -19.69 28.72
C PHE B 358 1.03 -20.12 29.34
N LYS B 359 2.13 -19.66 28.76
CA LYS B 359 3.47 -20.00 29.24
C LYS B 359 3.67 -19.57 30.69
N LEU B 360 2.95 -18.51 31.10
CA LEU B 360 3.06 -18.00 32.46
C LEU B 360 2.52 -19.00 33.48
N ASN B 361 1.26 -19.40 33.31
CA ASN B 361 0.62 -20.30 34.27
C ASN B 361 -0.44 -21.21 33.64
N ILE B 362 -1.18 -20.69 32.68
CA ILE B 362 -2.26 -21.45 32.05
C ILE B 362 -1.80 -22.82 31.58
N GLU B 363 -0.58 -22.87 31.04
CA GLU B 363 0.00 -24.12 30.57
C GLU B 363 0.04 -25.16 31.70
N LYS B 364 0.65 -24.77 32.82
CA LYS B 364 0.79 -25.65 33.97
C LYS B 364 -0.58 -25.96 34.58
N LEU B 365 -1.45 -24.97 34.59
CA LEU B 365 -2.78 -25.12 35.17
C LEU B 365 -3.59 -26.22 34.47
N CYS B 366 -3.47 -26.28 33.15
CA CYS B 366 -4.22 -27.25 32.36
C CYS B 366 -3.76 -28.69 32.60
N LYS B 367 -2.50 -28.85 32.99
CA LYS B 367 -1.94 -30.19 33.20
C LYS B 367 -2.67 -30.94 34.31
N THR B 368 -2.95 -30.25 35.40
CA THR B 368 -3.60 -30.87 36.55
C THR B 368 -5.13 -30.85 36.43
N GLU B 369 -5.64 -30.03 35.51
CA GLU B 369 -7.08 -29.97 35.28
C GLU B 369 -7.56 -31.17 34.48
N GLN B 370 -6.92 -31.42 33.34
CA GLN B 370 -7.27 -32.56 32.50
C GLN B 370 -7.13 -33.87 33.26
N ASP B 371 -6.20 -33.90 34.20
CA ASP B 371 -5.94 -35.08 35.01
C ASP B 371 -7.10 -35.40 35.94
N LEU B 372 -7.65 -34.37 36.56
CA LEU B 372 -8.75 -34.53 37.51
C LEU B 372 -10.11 -34.46 36.83
N ALA B 373 -10.12 -33.91 35.61
CA ALA B 373 -11.37 -33.79 34.85
C ALA B 373 -11.67 -35.07 34.09
N LEU B 374 -10.75 -35.47 33.23
CA LEU B 374 -10.90 -36.70 32.47
C LEU B 374 -10.62 -37.92 33.34
N GLY B 375 -9.80 -37.71 34.37
CA GLY B 375 -9.45 -38.78 35.29
C GLY B 375 -8.51 -39.79 34.67
N THR B 376 -7.68 -39.33 33.73
CA THR B 376 -6.77 -40.21 33.01
C THR B 376 -5.65 -39.43 32.34
N ASP B 377 -4.72 -38.92 33.14
CA ASP B 377 -3.64 -38.08 32.63
C ASP B 377 -2.46 -38.89 32.10
N ALA B 378 -1.81 -38.36 31.07
CA ALA B 378 -0.60 -38.96 30.51
C ALA B 378 -0.72 -40.47 30.36
N GLU B 379 0.24 -41.18 30.94
CA GLU B 379 0.23 -42.65 30.92
C GLU B 379 -1.12 -43.16 31.42
N GLY B 380 -1.98 -43.55 30.48
CA GLY B 380 -3.32 -43.98 30.81
C GLY B 380 -3.38 -45.26 31.63
N GLN B 381 -3.79 -45.15 32.89
CA GLN B 381 -4.18 -43.87 33.49
C GLN B 381 -4.43 -44.04 34.99
N ARG B 382 -5.43 -44.84 35.33
CA ARG B 382 -5.85 -45.01 36.71
C ARG B 382 -6.17 -43.65 37.32
N VAL B 383 -5.68 -43.42 38.54
CA VAL B 383 -5.83 -42.14 39.22
C VAL B 383 -5.24 -42.20 40.63
N LYS B 384 -5.95 -42.84 41.55
CA LYS B 384 -5.50 -42.99 42.92
C LYS B 384 -5.36 -41.65 43.63
N ASP B 385 -6.16 -41.46 44.68
CA ASP B 385 -6.13 -40.25 45.50
C ASP B 385 -6.69 -39.03 44.77
N SER B 386 -6.12 -38.74 43.60
CA SER B 386 -6.52 -37.59 42.79
C SER B 386 -6.36 -36.27 43.56
N MET B 387 -5.87 -36.36 44.78
CA MET B 387 -5.64 -35.18 45.60
C MET B 387 -4.22 -34.68 45.41
N LEU B 388 -3.30 -35.62 45.20
CA LEU B 388 -1.91 -35.28 44.91
C LEU B 388 -1.80 -34.61 43.56
N VAL B 389 -2.88 -34.69 42.78
CA VAL B 389 -2.94 -34.08 41.46
C VAL B 389 -3.37 -32.63 41.54
N LEU B 390 -4.33 -32.35 42.41
CA LEU B 390 -4.85 -31.00 42.58
C LEU B 390 -3.86 -30.13 43.33
N LEU B 391 -3.24 -30.69 44.36
CA LEU B 391 -2.30 -29.96 45.21
C LEU B 391 -1.41 -28.99 44.41
N PRO B 392 -0.70 -29.50 43.39
CA PRO B 392 0.21 -28.66 42.60
C PRO B 392 -0.31 -27.25 42.40
N VAL B 393 -1.36 -27.10 41.58
CA VAL B 393 -1.92 -25.79 41.30
C VAL B 393 -2.80 -25.29 42.45
N LEU B 394 -2.24 -25.35 43.66
CA LEU B 394 -2.86 -24.76 44.83
C LEU B 394 -1.77 -24.00 45.58
N LEU B 395 -0.53 -24.29 45.20
CA LEU B 395 0.63 -23.59 45.73
C LEU B 395 1.32 -22.80 44.62
N ASN B 396 0.52 -22.28 43.70
CA ASN B 396 1.03 -21.44 42.62
C ASN B 396 0.72 -19.97 42.88
N LYS B 397 1.76 -19.17 43.05
CA LYS B 397 1.60 -17.75 43.35
C LYS B 397 1.18 -16.95 42.12
N ASN B 398 1.25 -17.59 40.96
CA ASN B 398 0.91 -16.93 39.70
C ASN B 398 -0.48 -17.29 39.17
N HIS B 399 -1.39 -17.63 40.09
CA HIS B 399 -2.75 -17.99 39.71
C HIS B 399 -3.77 -17.07 40.38
N ASP B 400 -4.86 -16.78 39.66
CA ASP B 400 -5.95 -15.97 40.19
C ASP B 400 -6.73 -16.77 41.23
N ASN B 401 -7.49 -16.07 42.06
CA ASN B 401 -8.42 -16.73 42.97
C ASN B 401 -9.53 -17.41 42.17
N CYS B 402 -9.76 -16.89 40.96
CA CYS B 402 -10.74 -17.47 40.06
C CYS B 402 -10.27 -18.82 39.54
N ASP B 403 -9.04 -18.84 39.03
CA ASP B 403 -8.45 -20.08 38.52
C ASP B 403 -8.43 -21.14 39.60
N LYS B 404 -8.23 -20.71 40.85
CA LYS B 404 -8.14 -21.62 41.98
C LYS B 404 -9.46 -22.32 42.24
N ILE B 405 -10.54 -21.56 42.26
CA ILE B 405 -11.88 -22.11 42.47
C ILE B 405 -12.24 -23.09 41.36
N ARG B 406 -11.90 -22.74 40.13
CA ARG B 406 -12.18 -23.59 38.97
C ARG B 406 -11.49 -24.95 39.12
N ALA B 407 -10.22 -24.92 39.52
CA ALA B 407 -9.45 -26.14 39.73
C ALA B 407 -10.11 -27.06 40.75
N VAL B 408 -10.53 -26.48 41.87
CA VAL B 408 -11.19 -27.24 42.92
C VAL B 408 -12.50 -27.84 42.44
N LEU B 409 -13.29 -27.04 41.73
CA LEU B 409 -14.57 -27.49 41.21
C LEU B 409 -14.45 -28.83 40.48
N LEU B 410 -13.41 -28.96 39.66
CA LEU B 410 -13.19 -30.18 38.90
C LEU B 410 -13.04 -31.41 39.81
N TYR B 411 -12.14 -31.31 40.78
CA TYR B 411 -11.92 -32.40 41.72
C TYR B 411 -13.23 -32.86 42.36
N ILE B 412 -14.06 -31.91 42.76
CA ILE B 412 -15.35 -32.22 43.37
C ILE B 412 -16.27 -32.90 42.37
N PHE B 413 -16.23 -32.45 41.12
CA PHE B 413 -17.04 -33.05 40.07
C PHE B 413 -16.54 -34.46 39.75
N GLY B 414 -15.31 -34.76 40.16
CA GLY B 414 -14.71 -36.04 39.87
C GLY B 414 -14.95 -37.11 40.93
N ILE B 415 -15.55 -36.70 42.05
CA ILE B 415 -15.82 -37.63 43.15
C ILE B 415 -17.25 -37.47 43.67
N ASN B 416 -18.06 -36.72 42.93
CA ASN B 416 -19.47 -36.54 43.27
C ASN B 416 -19.74 -35.93 44.65
N GLY B 417 -18.77 -35.19 45.17
CA GLY B 417 -18.98 -34.43 46.39
C GLY B 417 -18.13 -34.82 47.58
N THR B 418 -18.08 -33.95 48.58
CA THR B 418 -17.35 -34.19 49.81
C THR B 418 -18.13 -33.64 51.00
N THR B 419 -17.91 -34.21 52.18
CA THR B 419 -18.63 -33.79 53.38
C THR B 419 -18.52 -32.28 53.61
N GLU B 420 -19.50 -31.73 54.33
CA GLU B 420 -19.53 -30.30 54.61
C GLU B 420 -18.29 -29.85 55.40
N GLU B 421 -17.67 -30.79 56.09
CA GLU B 421 -16.51 -30.48 56.93
C GLU B 421 -15.23 -30.36 56.10
N ASN B 422 -14.86 -31.44 55.42
CA ASN B 422 -13.63 -31.45 54.63
C ASN B 422 -13.64 -30.43 53.49
N LEU B 423 -14.82 -29.91 53.20
CA LEU B 423 -14.96 -28.85 52.20
C LEU B 423 -14.75 -27.50 52.86
N ASP B 424 -15.29 -27.36 54.07
CA ASP B 424 -15.09 -26.14 54.86
C ASP B 424 -13.61 -25.90 55.12
N ARG B 425 -12.84 -26.98 55.07
CA ARG B 425 -11.39 -26.89 55.24
C ARG B 425 -10.74 -26.44 53.94
N LEU B 426 -11.12 -27.10 52.84
CA LEU B 426 -10.57 -26.79 51.52
C LEU B 426 -10.74 -25.31 51.19
N ILE B 427 -11.94 -24.78 51.43
CA ILE B 427 -12.24 -23.39 51.11
C ILE B 427 -11.57 -22.44 52.09
N HIS B 428 -11.31 -22.92 53.31
CA HIS B 428 -10.67 -22.09 54.33
C HIS B 428 -9.16 -22.12 54.19
N ASN B 429 -8.62 -23.32 53.98
CA ASN B 429 -7.18 -23.53 53.88
C ASN B 429 -6.52 -22.66 52.82
N VAL B 430 -7.31 -22.21 51.84
CA VAL B 430 -6.79 -21.37 50.77
C VAL B 430 -7.15 -19.90 51.00
N LYS B 431 -7.89 -19.31 50.06
CA LYS B 431 -8.28 -17.91 50.17
C LYS B 431 -9.80 -17.78 50.34
N ILE B 432 -10.47 -17.45 49.24
CA ILE B 432 -11.92 -17.25 49.22
C ILE B 432 -12.62 -18.03 50.33
N GLU B 433 -13.08 -17.36 51.39
CA GLU B 433 -13.05 -15.89 51.54
C GLU B 433 -14.02 -15.18 50.59
N ASP B 434 -15.31 -15.34 50.87
CA ASP B 434 -16.39 -14.65 50.16
C ASP B 434 -16.84 -15.37 48.89
N ASP B 435 -15.88 -15.72 48.02
CA ASP B 435 -16.20 -16.39 46.76
C ASP B 435 -16.52 -17.87 46.96
N SER B 436 -16.96 -18.22 48.17
CA SER B 436 -17.28 -19.61 48.49
C SER B 436 -18.61 -20.04 47.88
N ASP B 437 -19.50 -19.07 47.64
CA ASP B 437 -20.77 -19.35 47.01
C ASP B 437 -20.57 -19.89 45.60
N MET B 438 -19.42 -19.58 45.01
CA MET B 438 -19.08 -20.06 43.68
C MET B 438 -18.94 -21.58 43.66
N ILE B 439 -18.96 -22.18 44.86
CA ILE B 439 -18.91 -23.63 44.99
C ILE B 439 -20.28 -24.15 45.43
N ARG B 440 -20.77 -23.60 46.53
CA ARG B 440 -22.04 -24.00 47.12
C ARG B 440 -23.21 -24.01 46.11
N ASN B 441 -23.38 -22.90 45.40
CA ASN B 441 -24.54 -22.72 44.54
C ASN B 441 -24.61 -23.67 43.34
N TRP B 442 -23.56 -24.44 43.10
CA TRP B 442 -23.55 -25.40 42.00
C TRP B 442 -24.62 -26.48 42.19
N SER B 443 -25.09 -26.64 43.42
CA SER B 443 -26.13 -27.61 43.73
C SER B 443 -27.47 -27.16 43.17
N HIS B 444 -27.61 -25.86 42.96
CA HIS B 444 -28.83 -25.29 42.41
C HIS B 444 -29.02 -25.69 40.94
N LEU B 445 -27.92 -26.02 40.29
CA LEU B 445 -27.95 -26.41 38.88
C LEU B 445 -28.29 -27.88 38.72
N GLY B 446 -28.18 -28.63 39.81
CA GLY B 446 -28.51 -30.05 39.79
C GLY B 446 -27.31 -30.94 40.03
N VAL B 447 -26.17 -30.32 40.32
CA VAL B 447 -24.93 -31.06 40.55
C VAL B 447 -24.66 -31.22 42.03
N PRO B 448 -24.41 -32.46 42.48
CA PRO B 448 -24.16 -32.72 43.90
C PRO B 448 -22.95 -31.94 44.40
N ILE B 449 -23.13 -31.17 45.47
CA ILE B 449 -22.04 -30.40 46.05
C ILE B 449 -21.51 -31.04 47.32
N VAL B 450 -22.33 -31.06 48.36
CA VAL B 450 -21.90 -31.58 49.66
C VAL B 450 -22.14 -33.08 49.85
N PRO B 451 -23.36 -33.57 49.55
CA PRO B 451 -23.60 -35.01 49.72
C PRO B 451 -22.90 -35.83 48.64
N PRO B 452 -21.82 -36.54 49.00
CA PRO B 452 -20.98 -37.26 48.04
C PRO B 452 -21.69 -38.46 47.41
N SER B 453 -21.27 -38.81 46.19
CA SER B 453 -21.74 -40.01 45.51
C SER B 453 -23.27 -40.15 45.48
N GLN B 454 -23.97 -39.02 45.64
CA GLN B 454 -25.42 -39.02 45.64
C GLN B 454 -26.00 -39.98 44.61
N GLN B 455 -26.07 -39.53 43.37
CA GLN B 455 -26.52 -40.38 42.27
C GLN B 455 -25.32 -41.10 41.65
N ALA B 456 -25.57 -41.92 40.65
CA ALA B 456 -24.51 -42.62 39.95
C ALA B 456 -23.77 -41.65 39.02
N LYS B 457 -23.08 -42.20 38.03
CA LYS B 457 -22.34 -41.39 37.08
C LYS B 457 -22.78 -41.71 35.65
N PRO B 458 -23.13 -40.67 34.88
CA PRO B 458 -23.56 -40.81 33.48
C PRO B 458 -22.49 -41.53 32.65
N LEU B 459 -22.94 -42.46 31.80
CA LEU B 459 -22.02 -43.24 30.98
C LEU B 459 -21.59 -42.47 29.74
N ARG B 460 -20.35 -42.71 29.29
CA ARG B 460 -19.82 -42.06 28.10
C ARG B 460 -19.04 -43.04 27.23
N LYS B 461 -19.07 -42.82 25.92
CA LYS B 461 -18.33 -43.67 24.99
C LYS B 461 -16.85 -43.30 24.99
N ASP B 462 -16.00 -44.31 25.20
CA ASP B 462 -14.56 -44.09 25.28
C ASP B 462 -14.01 -43.53 23.98
N ARG B 463 -12.84 -42.88 24.08
CA ARG B 463 -12.18 -42.31 22.91
C ARG B 463 -10.84 -42.97 22.68
N SER B 464 -10.60 -44.08 23.39
CA SER B 464 -9.37 -44.84 23.27
C SER B 464 -8.14 -43.95 23.36
N ALA B 465 -7.56 -43.63 22.21
CA ALA B 465 -6.38 -42.78 22.15
C ALA B 465 -6.17 -42.26 20.73
N GLU B 466 -7.26 -41.91 20.07
CA GLU B 466 -7.19 -41.39 18.71
C GLU B 466 -6.54 -40.00 18.68
N GLU B 467 -5.21 -39.99 18.69
CA GLU B 467 -4.44 -38.74 18.66
C GLU B 467 -4.73 -37.86 19.87
N THR B 468 -4.93 -36.57 19.61
CA THR B 468 -5.18 -35.56 20.65
C THR B 468 -3.93 -35.19 21.47
N PHE B 469 -3.53 -36.07 22.38
CA PHE B 469 -2.36 -35.83 23.23
C PHE B 469 -2.42 -34.47 23.93
N GLN B 470 -1.24 -33.96 24.28
CA GLN B 470 -1.13 -32.67 24.98
C GLN B 470 -2.07 -32.58 26.18
N LEU B 471 -2.72 -31.43 26.32
CA LEU B 471 -3.59 -31.17 27.46
C LEU B 471 -5.05 -31.05 27.00
N SER B 472 -5.23 -30.67 25.74
CA SER B 472 -6.56 -30.64 25.14
C SER B 472 -7.03 -32.06 24.87
N ARG B 473 -7.38 -32.77 25.93
CA ARG B 473 -7.70 -34.19 25.86
C ARG B 473 -9.15 -34.48 26.22
N TRP B 474 -9.78 -33.54 26.91
CA TRP B 474 -11.18 -33.68 27.31
C TRP B 474 -12.12 -33.39 26.15
N THR B 475 -13.32 -33.98 26.20
CA THR B 475 -14.33 -33.75 25.19
C THR B 475 -15.70 -33.50 25.82
N PRO B 476 -16.28 -32.32 25.57
CA PRO B 476 -17.59 -31.94 26.12
C PRO B 476 -18.60 -33.04 25.92
N PHE B 477 -19.52 -33.20 26.87
CA PHE B 477 -20.43 -34.35 26.89
C PHE B 477 -21.44 -34.36 25.72
N ILE B 478 -21.68 -33.21 25.10
CA ILE B 478 -22.63 -33.17 23.99
C ILE B 478 -22.08 -33.79 22.72
N LYS B 479 -20.78 -33.69 22.49
CA LYS B 479 -20.19 -34.26 21.29
C LYS B 479 -20.59 -35.73 21.16
N ASP B 480 -20.84 -36.37 22.30
CA ASP B 480 -21.34 -37.74 22.33
C ASP B 480 -22.85 -37.75 22.18
N ILE B 481 -23.52 -36.79 22.78
CA ILE B 481 -24.97 -36.67 22.69
C ILE B 481 -25.41 -36.33 21.27
N MET B 482 -24.55 -35.63 20.54
CA MET B 482 -24.82 -35.33 19.14
C MET B 482 -24.69 -36.61 18.31
N GLU B 483 -23.54 -37.24 18.43
CA GLU B 483 -23.22 -38.44 17.65
C GLU B 483 -24.16 -39.60 17.97
N ASP B 484 -24.59 -39.70 19.23
CA ASP B 484 -25.54 -40.74 19.62
C ASP B 484 -26.95 -40.40 19.12
N ALA B 485 -27.22 -39.11 18.99
CA ALA B 485 -28.48 -38.66 18.43
C ALA B 485 -28.51 -38.93 16.93
N ILE B 486 -27.38 -38.67 16.27
CA ILE B 486 -27.24 -38.95 14.85
C ILE B 486 -27.22 -40.44 14.59
N ASP B 487 -26.55 -41.19 15.47
CA ASP B 487 -26.46 -42.64 15.35
C ASP B 487 -27.70 -43.32 15.91
N ASN B 488 -28.80 -42.58 15.99
CA ASN B 488 -30.10 -43.11 16.39
C ASN B 488 -30.05 -44.15 17.52
N ARG B 489 -29.31 -43.85 18.57
CA ARG B 489 -29.25 -44.74 19.73
C ARG B 489 -29.12 -43.96 21.03
N LEU B 490 -30.23 -43.36 21.45
CA LEU B 490 -30.26 -42.52 22.64
C LEU B 490 -31.12 -43.18 23.70
N ASP B 491 -30.71 -43.08 24.96
CA ASP B 491 -31.46 -43.67 26.07
C ASP B 491 -32.87 -43.10 26.11
N SER B 492 -33.85 -43.92 25.73
CA SER B 492 -35.24 -43.49 25.67
C SER B 492 -35.81 -43.15 27.05
N LYS B 493 -35.09 -43.53 28.09
CA LYS B 493 -35.50 -43.22 29.46
C LYS B 493 -34.79 -41.97 29.94
N GLU B 494 -33.55 -41.78 29.47
CA GLU B 494 -32.76 -40.62 29.84
C GLU B 494 -32.97 -39.51 28.80
N TRP B 495 -33.91 -39.73 27.89
CA TRP B 495 -34.23 -38.76 26.85
C TRP B 495 -35.67 -38.96 26.38
N PRO B 496 -36.65 -38.67 27.27
CA PRO B 496 -38.07 -38.90 26.98
C PRO B 496 -38.62 -37.93 25.93
N TYR B 497 -39.88 -38.16 25.55
CA TYR B 497 -40.56 -37.29 24.60
C TYR B 497 -41.70 -36.56 25.31
N CYS B 498 -42.61 -36.00 24.52
CA CYS B 498 -43.82 -35.39 25.06
C CYS B 498 -45.04 -36.05 24.45
N SER B 499 -45.39 -35.65 23.23
CA SER B 499 -46.51 -36.25 22.52
C SER B 499 -46.41 -35.99 21.01
N ARG B 500 -45.27 -36.33 20.44
CA ARG B 500 -45.04 -36.13 19.01
C ARG B 500 -43.71 -36.73 18.56
N CYS B 501 -43.70 -37.30 17.36
CA CYS B 501 -42.50 -37.90 16.80
C CYS B 501 -42.37 -37.58 15.30
N GLY B 507 -31.51 -38.38 2.36
CA GLY B 507 -30.10 -38.38 2.00
C GLY B 507 -29.62 -36.96 1.64
N SER B 508 -29.81 -36.04 2.58
CA SER B 508 -29.38 -34.65 2.43
C SER B 508 -29.23 -34.17 0.99
N GLY B 509 -30.34 -33.97 0.29
CA GLY B 509 -31.69 -34.18 0.81
C GLY B 509 -32.72 -33.96 -0.29
N ALA B 510 -33.22 -32.73 -0.36
CA ALA B 510 -34.23 -32.33 -1.34
C ALA B 510 -35.59 -32.95 -1.02
N VAL B 511 -36.04 -33.84 -1.91
CA VAL B 511 -37.35 -34.49 -1.76
C VAL B 511 -37.60 -34.98 -0.34
N SER B 512 -38.79 -34.70 0.17
CA SER B 512 -39.18 -35.12 1.51
C SER B 512 -40.54 -35.81 1.48
N ALA B 513 -40.53 -37.09 1.13
CA ALA B 513 -41.77 -37.88 1.07
C ALA B 513 -41.49 -39.36 1.29
N ARG B 518 -52.02 -39.08 -13.29
CA ARG B 518 -50.73 -39.33 -12.66
C ARG B 518 -50.45 -38.32 -11.57
N THR B 519 -50.96 -38.58 -10.37
CA THR B 519 -50.76 -37.67 -9.25
C THR B 519 -51.27 -38.26 -7.94
N ASN B 520 -50.55 -37.98 -6.86
CA ASN B 520 -50.95 -38.40 -5.52
C ASN B 520 -51.74 -37.27 -4.87
N TYR B 521 -51.10 -36.55 -3.94
CA TYR B 521 -51.68 -35.35 -3.32
C TYR B 521 -51.14 -35.09 -1.91
N LEU B 522 -49.82 -35.01 -1.78
CA LEU B 522 -49.15 -34.71 -0.51
C LEU B 522 -47.72 -35.24 -0.49
N GLU B 523 -46.76 -34.40 -0.14
CA GLU B 523 -47.01 -33.00 0.20
C GLU B 523 -45.79 -32.14 -0.18
N LEU B 524 -45.08 -32.57 -1.20
CA LEU B 524 -43.90 -31.86 -1.71
C LEU B 524 -42.79 -31.72 -0.67
N ASP B 525 -42.34 -30.49 -0.43
CA ASP B 525 -41.25 -30.21 0.50
C ASP B 525 -39.88 -30.39 -0.16
N ARG B 526 -38.87 -29.65 0.31
CA ARG B 526 -39.04 -28.68 1.40
C ARG B 526 -38.19 -27.42 1.22
N LYS B 527 -36.89 -27.55 1.01
CA LYS B 527 -36.22 -28.85 0.92
C LYS B 527 -35.55 -29.24 2.23
N ASN B 528 -34.90 -28.27 2.88
CA ASN B 528 -34.20 -28.51 4.13
C ASN B 528 -33.27 -29.73 4.05
N GLY B 529 -33.46 -30.66 4.97
CA GLY B 529 -32.67 -31.89 5.01
C GLY B 529 -32.93 -32.65 6.31
N SER B 530 -31.91 -32.70 7.15
CA SER B 530 -32.02 -33.30 8.47
C SER B 530 -31.16 -32.52 9.45
N ARG B 531 -31.81 -31.89 10.43
CA ARG B 531 -31.10 -31.04 11.38
C ARG B 531 -31.18 -31.58 12.80
N LEU B 532 -30.11 -31.38 13.56
CA LEU B 532 -30.09 -31.71 14.97
C LEU B 532 -29.98 -30.42 15.80
N ILE B 533 -31.11 -29.87 16.18
CA ILE B 533 -31.13 -28.65 16.97
C ILE B 533 -30.91 -28.96 18.44
N ILE B 534 -29.98 -28.24 19.07
CA ILE B 534 -29.69 -28.42 20.48
C ILE B 534 -29.82 -27.11 21.25
N PHE B 535 -30.53 -27.15 22.37
CA PHE B 535 -30.67 -25.99 23.23
C PHE B 535 -30.30 -26.33 24.67
N VAL B 536 -29.25 -25.69 25.17
CA VAL B 536 -28.80 -25.94 26.53
C VAL B 536 -29.19 -24.80 27.46
N ILE B 537 -30.10 -25.08 28.39
CA ILE B 537 -30.51 -24.08 29.38
C ILE B 537 -29.32 -23.74 30.27
N GLY B 538 -29.15 -22.44 30.56
CA GLY B 538 -28.09 -22.01 31.43
C GLY B 538 -26.81 -21.64 30.71
N GLY B 539 -26.86 -21.60 29.39
CA GLY B 539 -25.73 -21.16 28.59
C GLY B 539 -24.93 -22.29 27.96
N ILE B 540 -24.02 -21.93 27.07
CA ILE B 540 -23.16 -22.89 26.40
C ILE B 540 -21.74 -22.36 26.35
N THR B 541 -20.76 -23.27 26.37
CA THR B 541 -19.37 -22.87 26.29
C THR B 541 -18.91 -22.85 24.83
N TYR B 542 -17.79 -22.19 24.58
CA TYR B 542 -17.24 -22.13 23.23
C TYR B 542 -16.66 -23.47 22.82
N SER B 543 -16.41 -24.32 23.82
CA SER B 543 -15.92 -25.67 23.58
C SER B 543 -17.09 -26.58 23.17
N GLU B 544 -18.27 -26.24 23.64
CA GLU B 544 -19.48 -26.97 23.27
C GLU B 544 -19.93 -26.54 21.88
N MET B 545 -19.56 -25.33 21.50
CA MET B 545 -19.86 -24.82 20.17
C MET B 545 -19.01 -25.52 19.13
N ARG B 546 -17.72 -25.69 19.44
CA ARG B 546 -16.80 -26.34 18.53
C ARG B 546 -17.23 -27.78 18.26
N CYS B 547 -17.98 -28.35 19.20
CA CYS B 547 -18.51 -29.70 19.05
C CYS B 547 -19.47 -29.78 17.87
N ALA B 548 -20.28 -28.74 17.69
CA ALA B 548 -21.24 -28.69 16.60
C ALA B 548 -20.53 -28.75 15.25
N TYR B 549 -19.37 -28.10 15.16
CA TYR B 549 -18.59 -28.10 13.93
C TYR B 549 -17.84 -29.41 13.76
N GLU B 550 -17.22 -29.89 14.85
CA GLU B 550 -16.44 -31.12 14.80
C GLU B 550 -17.31 -32.34 14.49
N VAL B 551 -18.62 -32.17 14.58
CA VAL B 551 -19.55 -33.24 14.27
C VAL B 551 -20.10 -33.10 12.84
N SER B 552 -20.60 -31.90 12.53
CA SER B 552 -21.16 -31.63 11.21
C SER B 552 -20.08 -31.73 10.14
N GLN B 553 -18.89 -31.23 10.44
CA GLN B 553 -17.75 -31.38 9.55
C GLN B 553 -17.30 -32.83 9.58
N ALA B 554 -16.78 -33.31 8.46
CA ALA B 554 -16.40 -34.72 8.32
C ALA B 554 -17.63 -35.61 8.22
N HIS B 555 -18.61 -35.35 9.09
CA HIS B 555 -19.89 -36.05 9.05
C HIS B 555 -20.96 -35.10 8.54
N LYS B 556 -20.96 -34.86 7.23
CA LYS B 556 -21.81 -33.84 6.62
C LYS B 556 -23.15 -34.37 6.12
N SER B 557 -23.71 -35.34 6.84
CA SER B 557 -25.01 -35.89 6.50
C SER B 557 -26.10 -35.24 7.36
N CYS B 558 -25.67 -34.54 8.39
CA CYS B 558 -26.59 -33.91 9.33
C CYS B 558 -25.93 -32.70 9.99
N GLU B 559 -26.63 -31.57 10.01
CA GLU B 559 -26.08 -30.35 10.59
C GLU B 559 -26.59 -30.08 12.00
N VAL B 560 -25.68 -30.20 12.97
CA VAL B 560 -26.02 -29.93 14.36
C VAL B 560 -26.03 -28.42 14.62
N ILE B 561 -26.99 -27.96 15.41
CA ILE B 561 -27.08 -26.54 15.73
C ILE B 561 -27.34 -26.33 17.22
N ILE B 562 -26.29 -25.97 17.95
CA ILE B 562 -26.43 -25.70 19.38
C ILE B 562 -26.71 -24.23 19.65
N GLY B 563 -27.38 -23.95 20.76
CA GLY B 563 -27.71 -22.59 21.14
C GLY B 563 -28.07 -22.47 22.61
N SER B 564 -28.43 -21.26 23.03
CA SER B 564 -28.77 -21.00 24.42
C SER B 564 -29.19 -19.55 24.61
N THR B 565 -29.49 -19.18 25.85
CA THR B 565 -29.84 -17.80 26.17
C THR B 565 -28.61 -16.91 26.11
N HIS B 566 -27.44 -17.52 26.31
CA HIS B 566 -26.19 -16.77 26.29
C HIS B 566 -24.98 -17.69 26.12
N ILE B 567 -23.80 -17.09 26.04
CA ILE B 567 -22.57 -17.83 25.83
C ILE B 567 -21.67 -17.74 27.07
N LEU B 568 -21.40 -18.89 27.67
CA LEU B 568 -20.73 -18.95 28.96
C LEU B 568 -19.24 -18.60 28.91
N THR B 569 -18.73 -18.19 30.06
CA THR B 569 -17.31 -17.92 30.25
C THR B 569 -17.01 -18.22 31.70
N PRO B 570 -15.93 -18.96 31.98
CA PRO B 570 -15.61 -19.39 33.35
C PRO B 570 -15.97 -18.32 34.38
N ARG B 571 -15.33 -17.15 34.28
CA ARG B 571 -15.61 -16.07 35.20
C ARG B 571 -17.09 -15.70 35.23
N LYS B 572 -17.60 -15.26 34.08
CA LYS B 572 -19.01 -14.87 33.98
C LYS B 572 -19.94 -15.91 34.59
N LEU B 573 -19.66 -17.18 34.33
CA LEU B 573 -20.46 -18.27 34.89
C LEU B 573 -20.39 -18.28 36.41
N LEU B 574 -19.19 -18.28 36.95
CA LEU B 574 -18.99 -18.29 38.40
C LEU B 574 -19.69 -17.10 39.06
N ASP B 575 -19.53 -15.91 38.48
CA ASP B 575 -20.16 -14.71 39.00
C ASP B 575 -21.68 -14.87 39.00
N ASP B 576 -22.20 -15.47 37.93
CA ASP B 576 -23.63 -15.70 37.81
C ASP B 576 -24.08 -16.88 38.66
N ILE B 577 -23.16 -17.79 38.95
CA ILE B 577 -23.49 -19.00 39.69
C ILE B 577 -23.66 -18.70 41.17
N LYS B 578 -22.89 -17.74 41.69
CA LYS B 578 -23.21 -17.14 42.97
C LYS B 578 -24.34 -16.17 42.69
N MET B 579 -24.69 -15.33 43.66
CA MET B 579 -25.80 -14.40 43.48
C MET B 579 -27.12 -15.16 43.41
N LEU B 580 -27.04 -16.45 43.10
CA LEU B 580 -28.23 -17.30 43.00
C LEU B 580 -28.96 -17.37 44.34
N ASN B 581 -28.19 -17.44 45.43
CA ASN B 581 -28.77 -17.53 46.76
C ASN B 581 -29.08 -16.17 47.37
N LYS B 582 -29.50 -15.23 46.52
CA LYS B 582 -29.86 -13.89 46.97
C LYS B 582 -30.69 -13.14 45.93
N SER B 583 -31.95 -12.88 46.25
CA SER B 583 -32.87 -12.22 45.34
C SER B 583 -32.24 -11.01 44.66
N LYS B 584 -32.40 -10.92 43.35
CA LYS B 584 -31.83 -9.83 42.56
C LYS B 584 -32.21 -8.47 43.14
N ASP B 585 -31.21 -7.59 43.26
CA ASP B 585 -31.43 -6.26 43.80
C ASP B 585 -32.13 -5.36 42.79
N MET C 1 31.31 45.03 -14.39
CA MET C 1 30.82 45.18 -13.03
C MET C 1 29.99 43.96 -12.62
N ARG C 2 29.82 43.78 -11.31
CA ARG C 2 29.06 42.64 -10.80
C ARG C 2 27.84 43.06 -9.99
N ASP C 3 27.88 44.26 -9.42
CA ASP C 3 26.73 44.84 -8.73
C ASP C 3 26.46 46.26 -9.22
N ARG C 4 25.39 46.41 -9.99
CA ARG C 4 25.09 47.67 -10.67
C ARG C 4 24.09 48.54 -9.91
N THR C 5 23.62 48.07 -8.77
CA THR C 5 22.61 48.79 -8.00
C THR C 5 22.97 50.26 -7.84
N HIS C 6 24.16 50.53 -7.31
CA HIS C 6 24.64 51.88 -7.12
C HIS C 6 24.59 52.67 -8.42
N GLU C 7 24.87 51.99 -9.53
CA GLU C 7 24.95 52.63 -10.83
C GLU C 7 23.59 53.12 -11.32
N LEU C 8 22.52 52.49 -10.84
CA LEU C 8 21.17 52.91 -11.19
C LEU C 8 20.95 54.35 -10.74
N ARG C 9 21.23 54.61 -9.47
CA ARG C 9 21.05 55.94 -8.89
C ARG C 9 22.35 56.71 -8.81
N MET D 1 -52.07 -15.47 13.01
CA MET D 1 -51.33 -14.25 13.34
C MET D 1 -49.89 -14.31 12.86
N ARG D 2 -49.67 -14.01 11.59
CA ARG D 2 -48.33 -13.75 11.08
C ARG D 2 -48.35 -12.51 10.18
N ASP D 3 -49.53 -12.22 9.64
CA ASP D 3 -49.79 -10.94 8.98
C ASP D 3 -51.10 -10.37 9.51
N ARG D 4 -51.00 -9.27 10.24
CA ARG D 4 -52.16 -8.71 10.92
C ARG D 4 -52.53 -7.33 10.38
N THR D 5 -52.15 -7.06 9.14
CA THR D 5 -52.44 -5.78 8.51
C THR D 5 -53.94 -5.59 8.34
N HIS D 6 -54.62 -6.62 7.88
CA HIS D 6 -56.06 -6.57 7.65
C HIS D 6 -56.83 -6.17 8.92
N GLU D 7 -56.49 -6.82 10.03
CA GLU D 7 -57.16 -6.55 11.30
C GLU D 7 -56.66 -5.26 11.94
N LEU D 8 -55.60 -4.68 11.39
CA LEU D 8 -55.03 -3.46 11.93
C LEU D 8 -56.02 -2.31 11.90
N ARG D 9 -56.69 -2.12 10.77
CA ARG D 9 -57.65 -1.04 10.61
C ARG D 9 -59.07 -1.58 10.41
N GLN D 10 -59.39 -1.92 9.16
CA GLN D 10 -60.71 -2.45 8.82
C GLN D 10 -60.66 -3.22 7.50
#